data_8FVA
#
_entry.id   8FVA
#
_cell.length_a   158.287
_cell.length_b   108.067
_cell.length_c   128.483
_cell.angle_alpha   90.000
_cell.angle_beta   90.000
_cell.angle_gamma   90.000
#
_symmetry.space_group_name_H-M   'P 21 21 2'
#
loop_
_entity.id
_entity.type
_entity.pdbx_description
1 polymer 'CTP synthase'
2 non-polymer 'MALONIC ACID'
3 non-polymer 4-amino-1-{2-deoxy-2-fluoro-5-O-[(R)-hydroxy{[(R)-hydroxy(phosphonooxy)phosphoryl]oxy}phosphoryl]-beta-D-arabinofuranosyl}pyrimidin-2(1H)-one
4 non-polymer 'SODIUM ION'
5 water water
#
_entity_poly.entity_id   1
_entity_poly.type   'polypeptide(L)'
_entity_poly.pdbx_seq_one_letter_code
;MTTNYIFVTGGVVSSLGKGIAAASLAAILEARGLNVTIMKLDPYINVDPGTMSPIQHGEVFVTEDGAETDLDLGHYERFI
RTKMSRRNNFTTGRIYSDVLRKERRGDYLGATVQVIPHITNAIKERVLEGGEGHDVVLVEIGGTVGDIESLPFLEAIRQM
AVEIGREHTLFMHLTLVPYMAASGEVKTKPTQHSVKELLSIGIQPDILICRSDRAVPANERAKIALFCNVPEKAVISLKD
VDSIYKIPGLLKSQGLDDYICKRFSLNCPEANLSEWEQVIFEEANPVSEVTIGMVGKYIELPDAYKSVIEALKHGGLKNR
VSVNIKLIDSQDVETRGVEILKGLDAILVPGGFGYRGVEGMITTARFARENNIPYLGICLGMQVALIDYARHVANMENAN
STEFVPDCKYPVVALITEWRDENGNVEVRSEKSDLGGTMRLGAQQCQLVDDSLVRQLYNAPTIVERHRHRYEVNNMLLKQ
IEDAGLRVAGRSGDDQLVEIIEVPNHPWFVACQFHPEFTSTPRDGHPLFAGFVKAASEFQKRQAK
;
_entity_poly.pdbx_strand_id   AAA,BBB
#
# COMPACT_ATOMS: atom_id res chain seq x y z
N MET A 1 -28.94 16.39 29.23
CA MET A 1 -27.65 15.82 28.71
C MET A 1 -27.17 16.67 27.53
N THR A 2 -25.92 17.14 27.58
CA THR A 2 -25.24 17.87 26.47
C THR A 2 -24.93 16.89 25.34
N THR A 3 -25.21 17.28 24.10
CA THR A 3 -24.92 16.49 22.88
C THR A 3 -23.40 16.35 22.73
N ASN A 4 -22.94 15.13 22.42
CA ASN A 4 -21.51 14.79 22.23
C ASN A 4 -21.24 14.69 20.72
N TYR A 5 -20.07 15.19 20.30
CA TYR A 5 -19.64 15.25 18.88
C TYR A 5 -18.36 14.43 18.72
N ILE A 6 -18.37 13.52 17.74
CA ILE A 6 -17.18 12.76 17.26
C ILE A 6 -16.88 13.25 15.84
N PHE A 7 -15.81 14.02 15.68
CA PHE A 7 -15.32 14.51 14.37
C PHE A 7 -14.42 13.45 13.77
N VAL A 8 -14.82 12.90 12.63
CA VAL A 8 -14.09 11.82 11.91
C VAL A 8 -13.38 12.46 10.72
N THR A 9 -12.05 12.36 10.72
CA THR A 9 -11.16 12.93 9.67
C THR A 9 -10.38 11.76 9.06
N GLY A 10 -9.90 11.95 7.84
CA GLY A 10 -9.04 10.99 7.13
C GLY A 10 -7.72 11.63 6.76
N GLY A 11 -6.63 10.87 6.83
CA GLY A 11 -5.29 11.33 6.44
C GLY A 11 -4.64 10.34 5.50
N VAL A 12 -3.49 10.74 4.93
CA VAL A 12 -2.61 9.92 4.05
C VAL A 12 -3.26 9.85 2.66
N VAL A 13 -4.39 9.15 2.54
CA VAL A 13 -5.15 8.98 1.27
C VAL A 13 -6.65 9.11 1.56
N SER A 14 -7.43 9.36 0.52
CA SER A 14 -8.90 9.10 0.47
C SER A 14 -9.11 7.62 0.17
N SER A 15 -10.35 7.14 0.14
CA SER A 15 -10.72 5.72 -0.13
C SER A 15 -10.26 4.83 1.04
N LEU A 16 -10.30 5.37 2.26
CA LEU A 16 -10.01 4.66 3.52
C LEU A 16 -11.26 3.91 4.02
N GLY A 17 -12.42 4.11 3.39
CA GLY A 17 -13.72 3.60 3.86
C GLY A 17 -14.18 4.32 5.11
N LYS A 18 -13.98 5.65 5.14
CA LYS A 18 -14.24 6.50 6.34
C LYS A 18 -15.74 6.49 6.67
N GLY A 19 -16.60 6.52 5.66
CA GLY A 19 -18.07 6.53 5.81
C GLY A 19 -18.57 5.26 6.48
N ILE A 20 -18.06 4.12 6.03
CA ILE A 20 -18.45 2.77 6.55
C ILE A 20 -17.93 2.61 7.98
N ALA A 21 -16.73 3.13 8.28
CA ALA A 21 -16.10 3.10 9.61
C ALA A 21 -16.92 3.94 10.59
N ALA A 22 -17.35 5.13 10.16
CA ALA A 22 -18.20 6.06 10.96
C ALA A 22 -19.58 5.42 11.21
N ALA A 23 -20.16 4.85 10.16
CA ALA A 23 -21.47 4.15 10.18
C ALA A 23 -21.40 2.97 11.15
N SER A 24 -20.34 2.17 11.05
CA SER A 24 -20.07 0.99 11.91
C SER A 24 -19.95 1.43 13.37
N LEU A 25 -19.27 2.54 13.64
CA LEU A 25 -19.15 3.08 15.02
C LEU A 25 -20.54 3.52 15.50
N ALA A 26 -21.32 4.16 14.62
CA ALA A 26 -22.69 4.61 14.91
C ALA A 26 -23.55 3.38 15.24
N ALA A 27 -23.34 2.26 14.55
CA ALA A 27 -24.10 0.99 14.72
C ALA A 27 -23.82 0.40 16.10
N ILE A 28 -22.57 0.46 16.58
CA ILE A 28 -22.18 -0.01 17.94
C ILE A 28 -22.92 0.84 18.97
N LEU A 29 -22.88 2.16 18.81
CA LEU A 29 -23.46 3.13 19.76
C LEU A 29 -25.00 3.01 19.75
N GLU A 30 -25.58 2.73 18.58
CA GLU A 30 -27.04 2.46 18.40
C GLU A 30 -27.40 1.20 19.21
N ALA A 31 -26.54 0.17 19.13
CA ALA A 31 -26.72 -1.14 19.78
C ALA A 31 -26.50 -1.03 21.30
N ARG A 32 -26.20 0.17 21.81
CA ARG A 32 -26.03 0.48 23.25
C ARG A 32 -27.23 1.30 23.74
N GLY A 33 -28.21 1.54 22.86
CA GLY A 33 -29.43 2.31 23.16
C GLY A 33 -29.21 3.81 23.05
N LEU A 34 -28.09 4.25 22.48
CA LEU A 34 -27.77 5.69 22.36
C LEU A 34 -28.51 6.27 21.14
N ASN A 35 -29.01 7.49 21.30
CA ASN A 35 -29.62 8.29 20.20
C ASN A 35 -28.45 8.88 19.39
N VAL A 36 -28.13 8.25 18.26
CA VAL A 36 -26.92 8.55 17.44
CA VAL A 36 -26.92 8.57 17.45
C VAL A 36 -27.37 9.05 16.06
N THR A 37 -26.68 10.05 15.54
CA THR A 37 -26.81 10.49 14.13
C THR A 37 -25.42 10.68 13.53
N ILE A 38 -25.37 10.72 12.20
CA ILE A 38 -24.13 10.94 11.41
C ILE A 38 -24.43 12.06 10.43
N MET A 39 -23.44 12.91 10.16
CA MET A 39 -23.53 13.87 9.04
C MET A 39 -22.20 13.89 8.26
N LYS A 40 -22.31 14.18 6.97
CA LYS A 40 -21.17 14.22 6.03
C LYS A 40 -20.97 15.68 5.62
N LEU A 41 -19.76 16.19 5.81
CA LEU A 41 -19.31 17.52 5.34
C LEU A 41 -18.43 17.27 4.11
N ASP A 42 -18.92 17.64 2.92
CA ASP A 42 -18.24 17.37 1.62
C ASP A 42 -17.53 18.64 1.16
N PRO A 43 -16.21 18.59 0.88
CA PRO A 43 -15.45 19.78 0.51
C PRO A 43 -15.67 20.31 -0.92
N TYR A 44 -16.60 19.74 -1.69
CA TYR A 44 -16.79 20.16 -3.11
CA TYR A 44 -16.88 20.11 -3.10
C TYR A 44 -17.69 21.41 -3.14
N ILE A 45 -17.57 22.16 -4.24
CA ILE A 45 -18.21 23.50 -4.43
C ILE A 45 -19.65 23.33 -4.91
N ASN A 46 -19.99 22.20 -5.52
CA ASN A 46 -21.39 21.89 -5.89
C ASN A 46 -22.26 22.17 -4.68
N VAL A 47 -23.35 22.92 -4.86
CA VAL A 47 -24.30 23.29 -3.75
C VAL A 47 -24.91 21.98 -3.22
N ASP A 48 -25.13 21.01 -4.11
CA ASP A 48 -25.50 19.61 -3.79
C ASP A 48 -25.09 18.74 -4.97
N PRO A 49 -25.10 17.39 -4.84
CA PRO A 49 -24.68 16.50 -5.93
C PRO A 49 -25.73 16.33 -7.05
N GLY A 50 -26.83 17.09 -7.01
CA GLY A 50 -27.91 17.07 -8.01
C GLY A 50 -27.40 17.25 -9.43
N THR A 51 -26.38 18.10 -9.65
CA THR A 51 -25.81 18.42 -10.98
C THR A 51 -24.75 17.39 -11.37
N MET A 52 -24.20 16.65 -10.40
CA MET A 52 -23.01 15.78 -10.58
C MET A 52 -23.40 14.49 -11.31
N SER A 53 -22.55 14.05 -12.25
CA SER A 53 -22.71 12.79 -13.01
C SER A 53 -22.23 11.64 -12.13
N PRO A 54 -22.92 10.49 -12.14
CA PRO A 54 -22.54 9.38 -11.26
C PRO A 54 -21.17 8.72 -11.50
N ILE A 55 -20.49 9.05 -12.61
N ILE A 55 -20.62 8.92 -12.71
CA ILE A 55 -19.11 8.53 -12.89
CA ILE A 55 -19.40 8.24 -13.25
C ILE A 55 -18.07 9.34 -12.10
C ILE A 55 -18.16 9.08 -12.94
N GLN A 56 -18.49 10.32 -11.30
N GLN A 56 -18.34 10.25 -12.32
CA GLN A 56 -17.59 11.18 -10.49
CA GLN A 56 -17.24 11.17 -11.93
C GLN A 56 -17.34 10.54 -9.11
C GLN A 56 -17.43 11.53 -10.44
N HIS A 57 -18.15 10.89 -8.11
N HIS A 57 -18.26 10.75 -9.73
CA HIS A 57 -18.02 10.43 -6.69
CA HIS A 57 -18.74 11.05 -8.36
C HIS A 57 -19.08 9.37 -6.39
C HIS A 57 -19.07 9.76 -7.60
N GLY A 58 -19.73 8.83 -7.42
N GLY A 58 -19.98 8.95 -8.16
CA GLY A 58 -20.69 7.72 -7.31
CA GLY A 58 -20.71 7.89 -7.44
C GLY A 58 -22.14 8.17 -7.41
C GLY A 58 -22.19 8.21 -7.44
N GLU A 59 -23.06 7.30 -7.00
CA GLU A 59 -24.53 7.51 -7.07
C GLU A 59 -24.92 8.76 -6.27
N VAL A 60 -25.97 9.44 -6.73
CA VAL A 60 -26.70 10.48 -5.95
C VAL A 60 -27.67 9.76 -5.02
N PHE A 61 -27.40 9.73 -3.73
CA PHE A 61 -28.35 9.21 -2.71
C PHE A 61 -29.49 10.22 -2.57
N VAL A 62 -30.71 9.75 -2.35
CA VAL A 62 -31.90 10.62 -2.10
C VAL A 62 -32.46 10.26 -0.73
N THR A 63 -32.65 11.27 0.12
CA THR A 63 -33.27 11.15 1.47
C THR A 63 -34.79 11.24 1.33
N GLU A 64 -35.52 10.89 2.39
CA GLU A 64 -37.00 10.94 2.44
C GLU A 64 -37.49 12.35 2.06
N ASP A 65 -36.86 13.41 2.59
CA ASP A 65 -37.27 14.82 2.41
C ASP A 65 -36.89 15.31 1.01
N GLY A 66 -36.27 14.46 0.18
CA GLY A 66 -35.99 14.73 -1.25
C GLY A 66 -34.67 15.45 -1.46
N ALA A 67 -33.75 15.40 -0.49
CA ALA A 67 -32.39 15.96 -0.61
C ALA A 67 -31.54 15.02 -1.46
N GLU A 68 -30.82 15.58 -2.43
CA GLU A 68 -29.77 14.87 -3.19
C GLU A 68 -28.48 14.99 -2.38
N THR A 69 -27.85 13.88 -2.03
CA THR A 69 -26.76 13.84 -1.03
C THR A 69 -25.63 12.93 -1.54
N ASP A 70 -24.49 12.99 -0.85
CA ASP A 70 -23.38 12.03 -1.01
C ASP A 70 -23.91 10.62 -0.73
N LEU A 71 -23.38 9.62 -1.44
CA LEU A 71 -23.78 8.20 -1.28
C LEU A 71 -23.39 7.68 0.11
N ASP A 72 -22.52 8.40 0.83
CA ASP A 72 -22.14 8.06 2.22
C ASP A 72 -23.40 7.98 3.10
N LEU A 73 -24.43 8.81 2.84
CA LEU A 73 -25.69 8.78 3.62
C LEU A 73 -26.39 7.44 3.41
N GLY A 74 -26.17 6.80 2.26
CA GLY A 74 -26.57 5.41 1.98
C GLY A 74 -25.95 4.45 2.96
N HIS A 75 -24.64 4.54 3.17
CA HIS A 75 -23.90 3.76 4.20
C HIS A 75 -24.53 4.02 5.57
N TYR A 76 -24.85 5.28 5.88
CA TYR A 76 -25.36 5.68 7.22
C TYR A 76 -26.70 4.98 7.46
N GLU A 77 -27.61 5.05 6.50
CA GLU A 77 -28.99 4.51 6.62
C GLU A 77 -28.97 2.97 6.66
N ARG A 78 -27.93 2.35 6.11
CA ARG A 78 -27.79 0.87 6.07
C ARG A 78 -27.17 0.36 7.37
N PHE A 79 -26.69 1.24 8.24
CA PHE A 79 -25.98 0.87 9.49
C PHE A 79 -26.74 1.37 10.73
N ILE A 80 -27.51 2.45 10.63
CA ILE A 80 -28.38 2.94 11.73
C ILE A 80 -29.79 3.18 11.18
N ARG A 81 -30.78 3.17 12.08
CA ARG A 81 -32.23 3.25 11.73
C ARG A 81 -32.70 4.70 11.76
N THR A 82 -31.87 5.62 12.26
CA THR A 82 -32.08 7.09 12.11
C THR A 82 -32.16 7.41 10.61
N LYS A 83 -33.23 8.09 10.19
CA LYS A 83 -33.44 8.50 8.78
C LYS A 83 -32.60 9.75 8.51
N MET A 84 -31.86 9.76 7.40
CA MET A 84 -31.03 10.91 6.97
C MET A 84 -31.96 11.93 6.30
N SER A 85 -31.64 13.22 6.45
CA SER A 85 -32.34 14.36 5.79
C SER A 85 -31.28 15.33 5.26
N ARG A 86 -31.70 16.50 4.76
CA ARG A 86 -30.79 17.56 4.26
C ARG A 86 -29.82 17.99 5.37
N ARG A 87 -30.24 17.93 6.64
CA ARG A 87 -29.39 18.35 7.80
C ARG A 87 -28.15 17.46 7.94
N ASN A 88 -28.10 16.29 7.29
CA ASN A 88 -27.05 15.25 7.51
C ASN A 88 -25.95 15.34 6.46
N ASN A 89 -26.10 16.22 5.46
CA ASN A 89 -25.13 16.38 4.37
C ASN A 89 -25.13 17.83 3.91
N PHE A 90 -23.97 18.47 3.87
CA PHE A 90 -23.79 19.79 3.20
C PHE A 90 -22.37 19.89 2.67
N THR A 91 -22.20 20.79 1.70
CA THR A 91 -20.94 21.00 0.94
C THR A 91 -20.41 22.39 1.26
N THR A 92 -19.14 22.64 0.92
CA THR A 92 -18.53 23.99 0.91
C THR A 92 -19.43 24.91 0.07
N GLY A 93 -19.85 24.45 -1.10
CA GLY A 93 -20.74 25.19 -2.00
C GLY A 93 -21.96 25.73 -1.28
N ARG A 94 -22.65 24.88 -0.52
CA ARG A 94 -23.86 25.25 0.27
C ARG A 94 -23.48 26.38 1.23
N ILE A 95 -22.39 26.23 1.99
CA ILE A 95 -21.93 27.22 3.01
C ILE A 95 -21.67 28.56 2.32
N TYR A 96 -20.87 28.56 1.24
CA TYR A 96 -20.47 29.79 0.50
C TYR A 96 -21.72 30.45 -0.10
N SER A 97 -22.58 29.64 -0.71
CA SER A 97 -23.87 30.09 -1.31
C SER A 97 -24.67 30.86 -0.24
N ASP A 98 -24.82 30.28 0.95
CA ASP A 98 -25.60 30.87 2.08
C ASP A 98 -24.94 32.17 2.55
N VAL A 99 -23.61 32.18 2.71
CA VAL A 99 -22.86 33.35 3.25
C VAL A 99 -22.85 34.47 2.21
N LEU A 100 -22.68 34.15 0.93
CA LEU A 100 -22.68 35.14 -0.18
C LEU A 100 -24.07 35.79 -0.29
N ARG A 101 -25.14 34.99 -0.19
CA ARG A 101 -26.55 35.46 -0.23
C ARG A 101 -26.76 36.44 0.93
N LYS A 102 -26.43 36.02 2.16
CA LYS A 102 -26.54 36.85 3.39
C LYS A 102 -25.72 38.15 3.22
N GLU A 103 -24.49 38.04 2.69
CA GLU A 103 -23.57 39.20 2.51
C GLU A 103 -24.17 40.20 1.53
N ARG A 104 -24.64 39.73 0.37
CA ARG A 104 -25.14 40.57 -0.75
C ARG A 104 -26.37 41.37 -0.31
N ARG A 105 -27.25 40.81 0.52
CA ARG A 105 -28.52 41.46 0.94
C ARG A 105 -28.27 42.34 2.18
N GLY A 106 -27.14 42.14 2.88
CA GLY A 106 -26.61 43.08 3.89
C GLY A 106 -26.67 42.55 5.32
N ASP A 107 -26.82 41.24 5.51
CA ASP A 107 -27.05 40.60 6.85
C ASP A 107 -25.84 40.79 7.78
N TYR A 108 -24.64 41.00 7.24
CA TYR A 108 -23.38 41.09 8.04
C TYR A 108 -23.09 42.54 8.42
N LEU A 109 -23.95 43.47 8.00
CA LEU A 109 -24.03 44.86 8.54
C LEU A 109 -22.70 45.60 8.30
N GLY A 110 -22.18 45.54 7.08
CA GLY A 110 -20.98 46.28 6.65
C GLY A 110 -19.68 45.63 7.12
N ALA A 111 -19.75 44.47 7.78
CA ALA A 111 -18.55 43.71 8.22
C ALA A 111 -17.84 43.17 6.98
N THR A 112 -16.51 43.04 7.06
CA THR A 112 -15.69 42.23 6.14
C THR A 112 -16.05 40.76 6.37
N VAL A 113 -16.54 40.07 5.34
CA VAL A 113 -16.92 38.63 5.45
C VAL A 113 -15.67 37.80 5.10
N GLN A 114 -15.22 37.01 6.07
CA GLN A 114 -13.95 36.25 6.04
C GLN A 114 -14.25 34.77 6.22
N VAL A 115 -13.34 33.89 5.76
CA VAL A 115 -13.43 32.43 6.00
C VAL A 115 -13.60 32.21 7.51
N ILE A 116 -12.80 32.91 8.31
CA ILE A 116 -12.92 32.96 9.79
C ILE A 116 -13.26 34.38 10.19
N PRO A 117 -14.40 34.64 10.88
CA PRO A 117 -15.28 33.59 11.43
C PRO A 117 -16.53 33.21 10.64
N HIS A 118 -16.83 33.91 9.54
CA HIS A 118 -18.16 33.87 8.87
C HIS A 118 -18.40 32.50 8.22
N ILE A 119 -17.43 31.94 7.49
CA ILE A 119 -17.58 30.61 6.84
C ILE A 119 -17.61 29.54 7.95
N THR A 120 -16.69 29.63 8.91
CA THR A 120 -16.55 28.64 10.01
C THR A 120 -17.80 28.68 10.89
N ASN A 121 -18.35 29.88 11.16
CA ASN A 121 -19.61 30.04 11.94
C ASN A 121 -20.75 29.31 11.22
N ALA A 122 -20.92 29.54 9.91
CA ALA A 122 -21.96 28.91 9.07
C ALA A 122 -21.86 27.39 9.13
N ILE A 123 -20.63 26.86 9.14
CA ILE A 123 -20.36 25.39 9.20
C ILE A 123 -20.79 24.86 10.58
N LYS A 124 -20.39 25.54 11.65
CA LYS A 124 -20.70 25.15 13.05
C LYS A 124 -22.21 25.18 13.27
N GLU A 125 -22.89 26.19 12.74
CA GLU A 125 -24.37 26.34 12.85
C GLU A 125 -25.05 25.11 12.23
N ARG A 126 -24.57 24.66 11.06
CA ARG A 126 -25.19 23.50 10.33
C ARG A 126 -24.86 22.20 11.06
N VAL A 127 -23.69 22.08 11.69
CA VAL A 127 -23.31 20.89 12.49
C VAL A 127 -24.20 20.83 13.74
N LEU A 128 -24.41 21.96 14.42
CA LEU A 128 -25.27 22.08 15.63
C LEU A 128 -26.73 21.80 15.25
N GLU A 129 -27.21 22.35 14.12
CA GLU A 129 -28.59 22.14 13.60
C GLU A 129 -28.84 20.65 13.37
N GLY A 130 -27.92 19.96 12.72
CA GLY A 130 -28.05 18.52 12.37
C GLY A 130 -27.82 17.61 13.56
N GLY A 131 -27.14 18.09 14.60
CA GLY A 131 -26.61 17.28 15.70
C GLY A 131 -27.42 17.40 16.99
N GLU A 132 -27.76 18.62 17.42
CA GLU A 132 -28.37 18.88 18.76
C GLU A 132 -29.72 18.14 18.83
N GLY A 133 -29.99 17.54 19.99
CA GLY A 133 -31.14 16.63 20.23
C GLY A 133 -30.76 15.18 20.09
N HIS A 134 -29.46 14.88 19.92
CA HIS A 134 -28.89 13.51 19.91
C HIS A 134 -27.91 13.39 21.07
N ASP A 135 -27.59 12.16 21.48
CA ASP A 135 -26.59 11.88 22.53
C ASP A 135 -25.19 12.00 21.91
N VAL A 136 -24.99 11.36 20.77
CA VAL A 136 -23.69 11.31 20.04
C VAL A 136 -23.93 11.63 18.56
N VAL A 137 -23.24 12.64 18.03
CA VAL A 137 -23.26 13.04 16.60
C VAL A 137 -21.89 12.73 15.99
N LEU A 138 -21.83 11.79 15.06
CA LEU A 138 -20.62 11.54 14.22
C LEU A 138 -20.62 12.54 13.06
N VAL A 139 -19.57 13.34 12.94
CA VAL A 139 -19.40 14.37 11.88
C VAL A 139 -18.23 13.94 11.01
N GLU A 140 -18.51 13.38 9.84
CA GLU A 140 -17.50 12.89 8.88
C GLU A 140 -17.04 14.08 8.01
N ILE A 141 -15.77 14.44 8.10
CA ILE A 141 -15.14 15.52 7.29
C ILE A 141 -14.61 14.87 6.02
N GLY A 142 -15.22 15.19 4.87
CA GLY A 142 -14.76 14.73 3.56
C GLY A 142 -13.37 15.29 3.23
N GLY A 143 -12.75 14.73 2.20
CA GLY A 143 -11.38 15.10 1.79
C GLY A 143 -10.37 14.52 2.77
N THR A 144 -9.10 14.90 2.58
CA THR A 144 -7.94 14.37 3.32
C THR A 144 -7.28 15.54 4.06
N VAL A 145 -6.88 15.30 5.31
CA VAL A 145 -6.15 16.30 6.13
C VAL A 145 -4.85 16.62 5.39
N GLY A 146 -4.54 17.91 5.24
CA GLY A 146 -3.37 18.40 4.48
C GLY A 146 -3.79 19.09 3.19
N ASP A 147 -5.02 18.84 2.73
CA ASP A 147 -5.58 19.45 1.50
C ASP A 147 -6.29 20.75 1.87
N ILE A 148 -6.31 21.69 0.92
CA ILE A 148 -6.86 23.07 1.06
C ILE A 148 -8.37 23.00 1.26
N GLU A 149 -9.07 22.13 0.52
CA GLU A 149 -10.55 22.12 0.42
C GLU A 149 -11.18 21.86 1.79
N SER A 150 -10.51 21.11 2.69
CA SER A 150 -11.08 20.64 3.98
CA SER A 150 -11.10 20.65 3.97
C SER A 150 -10.78 21.61 5.12
N LEU A 151 -9.83 22.54 4.92
CA LEU A 151 -9.32 23.46 6.00
C LEU A 151 -10.45 24.23 6.68
N PRO A 152 -11.44 24.80 5.95
CA PRO A 152 -12.54 25.50 6.62
C PRO A 152 -13.32 24.59 7.58
N PHE A 153 -13.58 23.34 7.17
CA PHE A 153 -14.27 22.32 8.00
C PHE A 153 -13.43 22.05 9.26
N LEU A 154 -12.13 21.82 9.07
CA LEU A 154 -11.19 21.47 10.17
C LEU A 154 -11.09 22.64 11.16
N GLU A 155 -11.00 23.87 10.67
CA GLU A 155 -10.95 25.09 11.52
C GLU A 155 -12.29 25.22 12.28
N ALA A 156 -13.41 24.99 11.59
CA ALA A 156 -14.77 25.02 12.18
C ALA A 156 -14.86 24.07 13.37
N ILE A 157 -14.44 22.81 13.19
CA ILE A 157 -14.59 21.74 14.23
C ILE A 157 -13.58 21.96 15.35
N ARG A 158 -12.39 22.53 15.05
CA ARG A 158 -11.40 22.90 16.09
C ARG A 158 -12.07 23.89 17.06
N GLN A 159 -12.73 24.92 16.52
CA GLN A 159 -13.43 25.98 17.29
C GLN A 159 -14.60 25.37 18.09
N MET A 160 -15.35 24.44 17.48
CA MET A 160 -16.47 23.73 18.15
C MET A 160 -15.95 23.01 19.39
N ALA A 161 -14.87 22.23 19.23
CA ALA A 161 -14.27 21.43 20.32
C ALA A 161 -13.99 22.34 21.51
N VAL A 162 -13.37 23.50 21.27
CA VAL A 162 -13.00 24.50 22.32
C VAL A 162 -14.27 25.06 22.97
N GLU A 163 -15.25 25.48 22.16
CA GLU A 163 -16.52 26.12 22.62
C GLU A 163 -17.32 25.14 23.47
N ILE A 164 -17.62 23.96 22.92
CA ILE A 164 -18.45 22.89 23.56
C ILE A 164 -17.67 22.26 24.71
N GLY A 165 -16.34 22.18 24.59
CA GLY A 165 -15.45 21.57 25.59
C GLY A 165 -15.06 20.15 25.19
N ARG A 166 -13.95 19.65 25.75
CA ARG A 166 -13.35 18.34 25.37
C ARG A 166 -14.00 17.21 26.17
N GLU A 167 -14.95 17.53 27.05
CA GLU A 167 -15.77 16.52 27.78
C GLU A 167 -16.87 16.00 26.84
N HIS A 168 -17.24 16.77 25.81
CA HIS A 168 -18.35 16.46 24.85
C HIS A 168 -17.87 16.41 23.40
N THR A 169 -16.56 16.43 23.13
CA THR A 169 -16.00 16.38 21.75
C THR A 169 -14.79 15.44 21.71
N LEU A 170 -14.77 14.53 20.73
CA LEU A 170 -13.63 13.64 20.39
C LEU A 170 -13.25 13.89 18.93
N PHE A 171 -11.95 13.86 18.65
CA PHE A 171 -11.40 13.84 17.27
C PHE A 171 -10.96 12.42 16.97
N MET A 172 -11.56 11.81 15.95
CA MET A 172 -11.22 10.44 15.46
C MET A 172 -10.60 10.58 14.07
N HIS A 173 -9.39 10.07 13.88
CA HIS A 173 -8.59 10.25 12.66
C HIS A 173 -8.27 8.88 12.04
N LEU A 174 -8.69 8.66 10.79
CA LEU A 174 -8.35 7.45 9.99
C LEU A 174 -7.08 7.71 9.19
N THR A 175 -6.16 6.76 9.19
CA THR A 175 -4.88 6.82 8.44
C THR A 175 -4.66 5.50 7.72
N LEU A 176 -3.80 5.52 6.70
CA LEU A 176 -3.31 4.31 6.01
C LEU A 176 -2.01 3.86 6.70
N VAL A 177 -1.92 2.58 7.03
CA VAL A 177 -0.68 1.91 7.52
C VAL A 177 -0.30 0.87 6.46
N PRO A 178 0.50 1.27 5.43
CA PRO A 178 0.82 0.37 4.32
C PRO A 178 1.68 -0.82 4.75
N TYR A 179 1.48 -1.98 4.11
CA TYR A 179 2.38 -3.15 4.19
C TYR A 179 3.40 -3.04 3.04
N MET A 180 4.69 -3.07 3.37
CA MET A 180 5.81 -3.13 2.39
C MET A 180 6.30 -4.58 2.30
N ALA A 181 6.30 -5.16 1.09
CA ALA A 181 6.73 -6.55 0.80
C ALA A 181 8.23 -6.68 1.05
N ALA A 182 9.01 -5.69 0.60
CA ALA A 182 10.49 -5.63 0.65
C ALA A 182 11.00 -5.95 2.07
N SER A 183 10.38 -5.35 3.10
CA SER A 183 10.77 -5.47 4.53
C SER A 183 9.80 -6.39 5.29
N GLY A 184 8.69 -6.80 4.67
CA GLY A 184 7.63 -7.61 5.29
C GLY A 184 7.10 -6.97 6.57
N GLU A 185 7.11 -5.63 6.63
CA GLU A 185 6.73 -4.83 7.82
C GLU A 185 5.59 -3.89 7.45
N VAL A 186 4.90 -3.36 8.47
CA VAL A 186 3.82 -2.35 8.33
C VAL A 186 4.41 -0.99 8.73
N LYS A 187 4.02 0.07 8.03
CA LYS A 187 4.67 1.41 8.12
C LYS A 187 3.75 2.40 8.84
N THR A 188 4.25 2.98 9.93
CA THR A 188 3.56 3.97 10.78
C THR A 188 3.89 5.39 10.34
N LYS A 189 4.87 5.58 9.46
CA LYS A 189 5.39 6.93 9.13
C LYS A 189 4.26 7.79 8.55
N PRO A 190 3.45 7.31 7.58
CA PRO A 190 2.35 8.11 7.05
C PRO A 190 1.39 8.59 8.15
N THR A 191 1.06 7.73 9.12
CA THR A 191 0.18 8.04 10.27
C THR A 191 0.82 9.16 11.11
N GLN A 192 2.11 9.01 11.44
CA GLN A 192 2.89 10.05 12.15
C GLN A 192 2.76 11.39 11.43
N HIS A 193 2.99 11.41 10.11
CA HIS A 193 3.02 12.65 9.28
C HIS A 193 1.61 13.23 9.15
N SER A 194 0.60 12.38 9.06
CA SER A 194 -0.83 12.79 8.95
C SER A 194 -1.25 13.45 10.27
N VAL A 195 -0.87 12.86 11.41
CA VAL A 195 -1.19 13.42 12.75
C VAL A 195 -0.50 14.77 12.93
N LYS A 196 0.78 14.90 12.53
CA LYS A 196 1.50 16.19 12.57
C LYS A 196 0.73 17.22 11.74
N GLU A 197 0.27 16.85 10.55
CA GLU A 197 -0.50 17.74 9.64
C GLU A 197 -1.78 18.20 10.35
N LEU A 198 -2.50 17.28 10.99
CA LEU A 198 -3.76 17.56 11.74
C LEU A 198 -3.45 18.50 12.91
N LEU A 199 -2.35 18.25 13.64
CA LEU A 199 -1.90 19.09 14.77
C LEU A 199 -1.54 20.50 14.28
N SER A 200 -0.85 20.62 13.15
CA SER A 200 -0.43 21.91 12.54
C SER A 200 -1.66 22.79 12.24
N ILE A 201 -2.84 22.18 12.09
CA ILE A 201 -4.14 22.90 11.86
C ILE A 201 -4.82 23.15 13.22
N GLY A 202 -4.27 22.59 14.30
CA GLY A 202 -4.68 22.87 15.69
C GLY A 202 -5.52 21.76 16.30
N ILE A 203 -5.53 20.57 15.70
CA ILE A 203 -6.38 19.42 16.15
C ILE A 203 -5.49 18.29 16.65
N GLN A 204 -5.60 17.97 17.92
CA GLN A 204 -5.02 16.76 18.56
C GLN A 204 -6.04 15.63 18.38
N PRO A 205 -5.77 14.60 17.56
CA PRO A 205 -6.64 13.43 17.50
C PRO A 205 -6.68 12.75 18.87
N ASP A 206 -7.84 12.21 19.25
CA ASP A 206 -8.06 11.48 20.52
C ASP A 206 -8.04 9.97 20.23
N ILE A 207 -8.45 9.58 19.02
CA ILE A 207 -8.53 8.16 18.56
C ILE A 207 -7.91 8.10 17.16
N LEU A 208 -7.11 7.08 16.89
CA LEU A 208 -6.53 6.80 15.56
C LEU A 208 -7.07 5.46 15.11
N ILE A 209 -7.76 5.44 13.96
CA ILE A 209 -8.21 4.18 13.30
C ILE A 209 -7.26 3.95 12.14
N CYS A 210 -6.46 2.91 12.24
CA CYS A 210 -5.37 2.58 11.30
C CYS A 210 -5.86 1.53 10.30
N ARG A 211 -5.98 1.95 9.04
CA ARG A 211 -6.42 1.07 7.92
CA ARG A 211 -6.42 1.09 7.91
C ARG A 211 -5.18 0.43 7.29
N SER A 212 -5.16 -0.89 7.22
CA SER A 212 -4.10 -1.71 6.59
C SER A 212 -4.75 -2.96 6.00
N ASP A 213 -4.06 -3.68 5.12
CA ASP A 213 -4.62 -4.90 4.46
C ASP A 213 -4.54 -6.07 5.45
N ARG A 214 -4.03 -5.84 6.66
CA ARG A 214 -3.96 -6.81 7.78
C ARG A 214 -4.01 -6.05 9.10
N ALA A 215 -4.22 -6.76 10.21
CA ALA A 215 -4.24 -6.20 11.58
C ALA A 215 -2.90 -5.48 11.81
N VAL A 216 -2.94 -4.31 12.44
CA VAL A 216 -1.73 -3.55 12.84
C VAL A 216 -1.25 -4.12 14.17
N PRO A 217 -0.05 -4.78 14.22
CA PRO A 217 0.46 -5.39 15.45
C PRO A 217 0.62 -4.40 16.61
N ALA A 218 0.69 -4.93 17.84
CA ALA A 218 0.68 -4.16 19.11
C ALA A 218 1.86 -3.19 19.17
N ASN A 219 3.02 -3.58 18.63
CA ASN A 219 4.28 -2.79 18.68
C ASN A 219 4.12 -1.52 17.83
N GLU A 220 3.54 -1.66 16.64
CA GLU A 220 3.30 -0.53 15.71
C GLU A 220 2.22 0.40 16.29
N ARG A 221 1.20 -0.16 16.95
CA ARG A 221 0.13 0.61 17.62
C ARG A 221 0.73 1.43 18.76
N ALA A 222 1.64 0.82 19.53
CA ALA A 222 2.38 1.44 20.65
C ALA A 222 3.28 2.57 20.13
N LYS A 223 3.91 2.36 18.97
CA LYS A 223 4.76 3.37 18.28
C LYS A 223 3.88 4.56 17.87
N ILE A 224 2.72 4.29 17.27
CA ILE A 224 1.75 5.34 16.83
C ILE A 224 1.34 6.16 18.06
N ALA A 225 0.91 5.49 19.13
CA ALA A 225 0.49 6.11 20.41
C ALA A 225 1.58 7.08 20.88
N LEU A 226 2.83 6.60 20.90
CA LEU A 226 4.02 7.34 21.41
C LEU A 226 4.23 8.64 20.62
N PHE A 227 4.17 8.60 19.29
CA PHE A 227 4.51 9.74 18.41
C PHE A 227 3.34 10.71 18.24
N CYS A 228 2.10 10.28 18.55
CA CYS A 228 0.86 11.01 18.18
C CYS A 228 0.12 11.55 19.41
N ASN A 229 0.72 11.50 20.61
CA ASN A 229 0.14 11.96 21.89
C ASN A 229 -1.22 11.28 22.15
N VAL A 230 -1.39 10.05 21.68
CA VAL A 230 -2.67 9.30 21.77
C VAL A 230 -2.45 8.08 22.67
N PRO A 231 -3.34 7.85 23.67
CA PRO A 231 -3.29 6.63 24.48
C PRO A 231 -3.27 5.36 23.61
N GLU A 232 -2.55 4.33 24.06
CA GLU A 232 -2.34 3.05 23.32
C GLU A 232 -3.69 2.40 22.98
N LYS A 233 -4.66 2.45 23.89
CA LYS A 233 -5.97 1.77 23.73
C LYS A 233 -6.86 2.55 22.75
N ALA A 234 -6.52 3.82 22.47
CA ALA A 234 -7.21 4.70 21.50
C ALA A 234 -6.59 4.55 20.11
N VAL A 235 -5.60 3.66 19.94
CA VAL A 235 -5.05 3.29 18.61
C VAL A 235 -5.75 2.00 18.18
N ILE A 236 -6.71 2.13 17.27
CA ILE A 236 -7.59 1.02 16.80
C ILE A 236 -7.08 0.56 15.44
N SER A 237 -7.02 -0.75 15.24
CA SER A 237 -6.68 -1.41 13.96
C SER A 237 -7.98 -1.71 13.22
N LEU A 238 -8.03 -1.47 11.91
CA LEU A 238 -9.17 -1.88 11.06
C LEU A 238 -8.63 -2.41 9.73
N LYS A 239 -8.45 -3.74 9.65
CA LYS A 239 -7.94 -4.44 8.45
C LYS A 239 -9.00 -4.32 7.34
N ASP A 240 -8.65 -4.66 6.09
CA ASP A 240 -9.63 -4.78 4.98
C ASP A 240 -10.33 -6.13 5.17
N VAL A 241 -11.56 -6.09 5.67
CA VAL A 241 -12.40 -7.28 5.99
C VAL A 241 -13.10 -7.73 4.71
N ASP A 242 -13.42 -9.03 4.62
CA ASP A 242 -14.15 -9.63 3.46
C ASP A 242 -15.61 -9.13 3.46
N SER A 243 -16.12 -8.71 4.63
CA SER A 243 -17.50 -8.19 4.81
C SER A 243 -17.50 -6.97 5.74
N ILE A 244 -18.10 -5.87 5.29
CA ILE A 244 -18.21 -4.59 6.06
C ILE A 244 -19.09 -4.79 7.30
N TYR A 245 -19.92 -5.83 7.34
CA TYR A 245 -20.85 -6.10 8.48
C TYR A 245 -20.06 -6.60 9.70
N LYS A 246 -18.82 -7.03 9.50
CA LYS A 246 -17.92 -7.48 10.60
C LYS A 246 -17.31 -6.28 11.33
N ILE A 247 -17.30 -5.10 10.71
CA ILE A 247 -16.52 -3.92 11.19
C ILE A 247 -17.02 -3.50 12.58
N PRO A 248 -18.34 -3.38 12.83
CA PRO A 248 -18.83 -3.03 14.15
C PRO A 248 -18.26 -3.93 15.26
N GLY A 249 -18.20 -5.25 15.03
CA GLY A 249 -17.64 -6.24 15.97
C GLY A 249 -16.17 -5.97 16.25
N LEU A 250 -15.39 -5.77 15.19
CA LEU A 250 -13.92 -5.53 15.24
C LEU A 250 -13.64 -4.27 16.06
N LEU A 251 -14.40 -3.20 15.85
CA LEU A 251 -14.25 -1.92 16.60
C LEU A 251 -14.60 -2.16 18.07
N LYS A 252 -15.68 -2.91 18.33
CA LYS A 252 -16.14 -3.23 19.71
C LYS A 252 -15.08 -4.06 20.43
N SER A 253 -14.54 -5.09 19.76
CA SER A 253 -13.53 -6.03 20.32
C SER A 253 -12.24 -5.28 20.70
N GLN A 254 -12.05 -4.04 20.21
CA GLN A 254 -10.86 -3.20 20.53
C GLN A 254 -11.25 -2.07 21.49
N GLY A 255 -12.50 -1.99 21.92
CA GLY A 255 -12.96 -1.14 23.03
C GLY A 255 -13.24 0.30 22.59
N LEU A 256 -13.39 0.53 21.29
CA LEU A 256 -13.59 1.90 20.72
C LEU A 256 -14.81 2.54 21.39
N ASP A 257 -15.95 1.84 21.42
CA ASP A 257 -17.22 2.33 22.02
C ASP A 257 -17.03 2.53 23.52
N ASP A 258 -16.32 1.62 24.20
CA ASP A 258 -15.99 1.73 25.65
C ASP A 258 -15.24 3.03 25.91
N TYR A 259 -14.19 3.30 25.13
CA TYR A 259 -13.37 4.53 25.23
C TYR A 259 -14.24 5.77 25.02
N ILE A 260 -15.13 5.73 24.03
CA ILE A 260 -16.02 6.87 23.66
C ILE A 260 -17.01 7.15 24.80
N CYS A 261 -17.66 6.11 25.33
CA CYS A 261 -18.67 6.23 26.42
C CYS A 261 -17.98 6.71 27.71
N LYS A 262 -16.74 6.28 27.95
CA LYS A 262 -15.92 6.76 29.09
C LYS A 262 -15.66 8.26 28.93
N ARG A 263 -15.12 8.68 27.79
CA ARG A 263 -14.74 10.10 27.52
C ARG A 263 -15.98 10.99 27.61
N PHE A 264 -17.14 10.49 27.19
CA PHE A 264 -18.41 11.27 27.14
C PHE A 264 -19.24 11.06 28.42
N SER A 265 -18.77 10.20 29.34
CA SER A 265 -19.42 9.89 30.64
C SER A 265 -20.85 9.40 30.39
N LEU A 266 -21.00 8.37 29.55
CA LEU A 266 -22.29 7.76 29.17
C LEU A 266 -22.44 6.41 29.85
N ASN A 267 -23.38 6.30 30.79
CA ASN A 267 -23.80 5.03 31.43
C ASN A 267 -24.82 4.36 30.51
N CYS A 268 -24.36 3.43 29.66
CA CYS A 268 -25.22 2.66 28.73
C CYS A 268 -24.72 1.22 28.69
N PRO A 269 -25.61 0.23 28.49
CA PRO A 269 -25.22 -1.18 28.52
C PRO A 269 -24.24 -1.56 27.41
N GLU A 270 -23.55 -2.68 27.59
CA GLU A 270 -22.66 -3.30 26.57
C GLU A 270 -23.45 -3.45 25.27
N ALA A 271 -22.80 -3.22 24.13
CA ALA A 271 -23.40 -3.28 22.78
C ALA A 271 -23.84 -4.72 22.48
N ASN A 272 -25.10 -4.90 22.08
CA ASN A 272 -25.64 -6.19 21.56
C ASN A 272 -25.61 -6.13 20.02
N LEU A 273 -24.62 -6.77 19.41
CA LEU A 273 -24.37 -6.76 17.95
C LEU A 273 -24.98 -8.01 17.30
N SER A 274 -25.98 -8.61 17.96
CA SER A 274 -26.70 -9.83 17.51
C SER A 274 -27.22 -9.64 16.07
N GLU A 275 -27.78 -8.48 15.78
CA GLU A 275 -28.36 -8.17 14.43
C GLU A 275 -27.25 -8.25 13.38
N TRP A 276 -26.04 -7.78 13.73
CA TRP A 276 -24.87 -7.77 12.80
C TRP A 276 -24.28 -9.17 12.72
N GLU A 277 -24.12 -9.85 13.86
CA GLU A 277 -23.75 -11.29 13.93
C GLU A 277 -24.67 -12.11 13.03
N GLN A 278 -25.98 -11.83 13.04
CA GLN A 278 -26.98 -12.55 12.21
C GLN A 278 -26.70 -12.31 10.72
N VAL A 279 -26.55 -11.06 10.31
CA VAL A 279 -26.24 -10.67 8.90
C VAL A 279 -24.95 -11.39 8.46
N ILE A 280 -23.90 -11.34 9.29
CA ILE A 280 -22.60 -12.02 9.00
C ILE A 280 -22.87 -13.50 8.76
N PHE A 281 -23.61 -14.14 9.67
CA PHE A 281 -23.99 -15.58 9.62
C PHE A 281 -24.71 -15.88 8.30
N GLU A 282 -25.75 -15.10 7.98
CA GLU A 282 -26.57 -15.26 6.75
C GLU A 282 -25.62 -15.24 5.54
N GLU A 283 -24.77 -14.21 5.47
CA GLU A 283 -23.85 -13.93 4.34
C GLU A 283 -22.87 -15.11 4.16
N ALA A 284 -22.35 -15.67 5.27
CA ALA A 284 -21.32 -16.74 5.28
C ALA A 284 -21.95 -18.12 5.02
N ASN A 285 -23.28 -18.25 5.06
CA ASN A 285 -24.00 -19.54 4.95
C ASN A 285 -25.06 -19.46 3.85
N PRO A 286 -24.67 -19.23 2.58
CA PRO A 286 -25.60 -19.36 1.46
C PRO A 286 -25.84 -20.84 1.16
N VAL A 287 -26.99 -21.17 0.57
CA VAL A 287 -27.35 -22.57 0.16
C VAL A 287 -27.13 -22.70 -1.35
N SER A 288 -27.48 -21.67 -2.12
CA SER A 288 -27.37 -21.64 -3.60
C SER A 288 -26.64 -20.36 -4.05
N GLU A 289 -26.39 -20.27 -5.36
CA GLU A 289 -25.66 -19.15 -6.03
C GLU A 289 -26.42 -18.75 -7.29
N VAL A 290 -26.49 -17.46 -7.58
CA VAL A 290 -27.11 -16.91 -8.83
C VAL A 290 -26.16 -15.86 -9.42
N THR A 291 -26.19 -15.70 -10.74
CA THR A 291 -25.50 -14.60 -11.47
C THR A 291 -26.56 -13.64 -11.99
N ILE A 292 -26.62 -12.43 -11.42
CA ILE A 292 -27.56 -11.35 -11.84
C ILE A 292 -26.77 -10.34 -12.68
N GLY A 293 -27.19 -10.15 -13.93
CA GLY A 293 -26.60 -9.15 -14.85
C GLY A 293 -27.19 -7.78 -14.59
N MET A 294 -26.34 -6.81 -14.25
CA MET A 294 -26.71 -5.38 -14.12
C MET A 294 -26.28 -4.67 -15.41
N VAL A 295 -27.24 -4.28 -16.24
CA VAL A 295 -27.00 -3.67 -17.58
C VAL A 295 -27.28 -2.16 -17.48
N GLY A 296 -26.22 -1.35 -17.50
CA GLY A 296 -26.28 0.11 -17.35
C GLY A 296 -25.25 0.83 -18.20
N LYS A 297 -25.11 2.14 -18.00
CA LYS A 297 -24.24 3.03 -18.81
C LYS A 297 -23.11 3.61 -17.95
N TYR A 298 -23.07 3.30 -16.65
CA TYR A 298 -22.10 3.89 -15.68
C TYR A 298 -21.19 2.79 -15.10
N ILE A 299 -21.16 1.60 -15.70
CA ILE A 299 -20.51 0.39 -15.10
C ILE A 299 -19.01 0.65 -14.87
N GLU A 300 -18.42 1.59 -15.62
CA GLU A 300 -16.99 2.01 -15.51
C GLU A 300 -16.66 2.44 -14.07
N LEU A 301 -17.64 2.97 -13.33
CA LEU A 301 -17.53 3.20 -11.86
C LEU A 301 -18.66 2.46 -11.14
N PRO A 302 -18.39 1.30 -10.52
CA PRO A 302 -19.42 0.52 -9.83
C PRO A 302 -20.21 1.31 -8.77
N ASP A 303 -19.56 2.25 -8.08
CA ASP A 303 -20.17 3.10 -7.02
C ASP A 303 -21.29 3.96 -7.61
N ALA A 304 -21.39 4.08 -8.94
CA ALA A 304 -22.56 4.67 -9.64
C ALA A 304 -23.83 3.90 -9.26
N TYR A 305 -23.69 2.61 -8.92
CA TYR A 305 -24.81 1.70 -8.56
C TYR A 305 -24.60 1.13 -7.16
N LYS A 306 -24.06 1.94 -6.24
CA LYS A 306 -23.66 1.46 -4.88
C LYS A 306 -24.87 0.83 -4.18
N SER A 307 -25.96 1.58 -4.02
CA SER A 307 -27.16 1.17 -3.25
C SER A 307 -27.84 -0.03 -3.94
N VAL A 308 -27.83 -0.07 -5.28
CA VAL A 308 -28.45 -1.17 -6.07
C VAL A 308 -27.66 -2.46 -5.81
N ILE A 309 -26.33 -2.39 -5.93
CA ILE A 309 -25.42 -3.55 -5.68
C ILE A 309 -25.65 -4.07 -4.25
N GLU A 310 -25.71 -3.17 -3.27
CA GLU A 310 -25.93 -3.51 -1.85
C GLU A 310 -27.32 -4.13 -1.67
N ALA A 311 -28.35 -3.57 -2.31
CA ALA A 311 -29.75 -4.04 -2.27
C ALA A 311 -29.83 -5.49 -2.77
N LEU A 312 -29.10 -5.82 -3.84
CA LEU A 312 -29.02 -7.19 -4.41
C LEU A 312 -28.39 -8.13 -3.39
N LYS A 313 -27.36 -7.68 -2.68
CA LYS A 313 -26.68 -8.48 -1.63
C LYS A 313 -27.66 -8.74 -0.48
N HIS A 314 -28.49 -7.75 -0.13
CA HIS A 314 -29.49 -7.85 0.97
C HIS A 314 -30.56 -8.89 0.58
N GLY A 315 -31.01 -8.84 -0.68
CA GLY A 315 -31.93 -9.84 -1.27
C GLY A 315 -31.35 -11.24 -1.14
N GLY A 316 -30.06 -11.38 -1.43
CA GLY A 316 -29.28 -12.62 -1.23
C GLY A 316 -29.33 -13.10 0.21
N LEU A 317 -29.11 -12.19 1.17
CA LEU A 317 -29.15 -12.50 2.62
C LEU A 317 -30.50 -13.12 2.99
N LYS A 318 -31.60 -12.52 2.48
CA LYS A 318 -33.00 -12.87 2.85
C LYS A 318 -33.42 -14.19 2.21
N ASN A 319 -32.69 -14.69 1.21
CA ASN A 319 -32.98 -15.96 0.49
C ASN A 319 -31.82 -16.96 0.67
N ARG A 320 -30.77 -16.58 1.40
CA ARG A 320 -29.50 -17.35 1.52
C ARG A 320 -28.99 -17.71 0.13
N VAL A 321 -29.04 -16.74 -0.79
CA VAL A 321 -28.45 -16.83 -2.15
C VAL A 321 -27.20 -15.95 -2.18
N SER A 322 -26.06 -16.55 -2.55
CA SER A 322 -24.82 -15.82 -2.91
C SER A 322 -25.03 -15.21 -4.29
N VAL A 323 -25.08 -13.88 -4.38
CA VAL A 323 -25.37 -13.14 -5.65
C VAL A 323 -24.03 -12.74 -6.29
N ASN A 324 -23.74 -13.30 -7.46
CA ASN A 324 -22.63 -12.87 -8.34
C ASN A 324 -23.16 -11.79 -9.28
N ILE A 325 -22.74 -10.55 -9.06
CA ILE A 325 -23.19 -9.37 -9.88
C ILE A 325 -22.21 -9.22 -11.04
N LYS A 326 -22.70 -9.37 -12.26
CA LYS A 326 -21.94 -9.08 -13.51
C LYS A 326 -22.39 -7.70 -14.02
N LEU A 327 -21.51 -6.70 -13.92
CA LEU A 327 -21.72 -5.35 -14.50
C LEU A 327 -21.52 -5.44 -16.02
N ILE A 328 -22.58 -5.20 -16.79
CA ILE A 328 -22.57 -5.29 -18.28
C ILE A 328 -22.86 -3.90 -18.84
N ASP A 329 -21.99 -3.40 -19.72
CA ASP A 329 -22.16 -2.10 -20.43
C ASP A 329 -23.32 -2.27 -21.42
N SER A 330 -24.31 -1.39 -21.36
CA SER A 330 -25.50 -1.39 -22.26
C SER A 330 -25.06 -1.07 -23.69
N GLN A 331 -23.96 -0.34 -23.86
CA GLN A 331 -23.39 0.01 -25.19
C GLN A 331 -22.82 -1.24 -25.87
N ASP A 332 -22.33 -2.22 -25.09
CA ASP A 332 -21.82 -3.51 -25.62
C ASP A 332 -22.98 -4.34 -26.18
N VAL A 333 -24.18 -4.19 -25.62
CA VAL A 333 -25.43 -4.86 -26.11
C VAL A 333 -25.84 -4.22 -27.45
N GLU A 334 -25.56 -2.93 -27.63
CA GLU A 334 -25.84 -2.19 -28.89
C GLU A 334 -24.93 -2.72 -30.01
N THR A 335 -23.68 -3.04 -29.69
CA THR A 335 -22.64 -3.51 -30.66
C THR A 335 -22.72 -5.03 -30.82
N ARG A 336 -22.44 -5.78 -29.75
CA ARG A 336 -22.17 -7.24 -29.77
C ARG A 336 -23.46 -8.05 -29.60
N GLY A 337 -24.58 -7.39 -29.30
CA GLY A 337 -25.91 -8.01 -29.24
C GLY A 337 -26.15 -8.74 -27.92
N VAL A 338 -27.24 -9.51 -27.84
CA VAL A 338 -27.72 -10.19 -26.60
C VAL A 338 -26.81 -11.37 -26.24
N GLU A 339 -25.77 -11.64 -27.06
CA GLU A 339 -24.77 -12.72 -26.85
C GLU A 339 -24.18 -12.64 -25.43
N ILE A 340 -23.97 -11.41 -24.92
CA ILE A 340 -23.27 -11.14 -23.63
C ILE A 340 -24.26 -11.23 -22.45
N LEU A 341 -25.56 -11.41 -22.72
CA LEU A 341 -26.63 -11.57 -21.69
C LEU A 341 -26.89 -13.06 -21.42
N LYS A 342 -26.12 -13.96 -22.05
CA LYS A 342 -26.23 -15.43 -21.86
C LYS A 342 -25.62 -15.81 -20.50
N GLY A 343 -26.17 -16.83 -19.85
CA GLY A 343 -25.68 -17.36 -18.56
C GLY A 343 -26.11 -16.51 -17.37
N LEU A 344 -27.14 -15.67 -17.55
CA LEU A 344 -27.68 -14.78 -16.50
C LEU A 344 -28.94 -15.42 -15.90
N ASP A 345 -29.01 -15.48 -14.57
CA ASP A 345 -30.15 -16.04 -13.80
C ASP A 345 -31.21 -14.96 -13.60
N ALA A 346 -30.85 -13.69 -13.84
CA ALA A 346 -31.74 -12.51 -13.73
C ALA A 346 -31.03 -11.28 -14.29
N ILE A 347 -31.80 -10.28 -14.71
CA ILE A 347 -31.29 -9.02 -15.34
C ILE A 347 -31.86 -7.83 -14.57
N LEU A 348 -31.00 -6.92 -14.11
CA LEU A 348 -31.40 -5.63 -13.50
C LEU A 348 -30.91 -4.49 -14.39
N VAL A 349 -31.81 -3.58 -14.76
CA VAL A 349 -31.47 -2.30 -15.45
C VAL A 349 -31.74 -1.17 -14.45
N PRO A 350 -30.68 -0.53 -13.92
CA PRO A 350 -30.84 0.52 -12.92
C PRO A 350 -31.13 1.89 -13.56
N GLY A 351 -31.16 2.94 -12.73
CA GLY A 351 -31.46 4.33 -13.16
C GLY A 351 -30.36 4.92 -14.00
N GLY A 352 -30.65 6.05 -14.65
CA GLY A 352 -29.69 6.78 -15.51
C GLY A 352 -30.38 7.89 -16.28
N PHE A 353 -29.58 8.75 -16.94
CA PHE A 353 -30.04 9.89 -17.76
C PHE A 353 -29.18 9.94 -19.04
N GLY A 354 -29.70 10.57 -20.09
CA GLY A 354 -29.03 10.66 -21.40
C GLY A 354 -29.30 9.42 -22.25
N TYR A 355 -29.36 9.60 -23.57
CA TYR A 355 -29.76 8.56 -24.56
C TYR A 355 -28.64 7.51 -24.70
N ARG A 356 -27.39 7.90 -24.46
CA ARG A 356 -26.20 7.01 -24.59
C ARG A 356 -26.48 5.69 -23.86
N GLY A 357 -26.50 4.57 -24.60
CA GLY A 357 -26.57 3.20 -24.03
C GLY A 357 -28.00 2.73 -23.78
N VAL A 358 -29.01 3.58 -24.03
CA VAL A 358 -30.44 3.29 -23.71
C VAL A 358 -30.98 2.20 -24.66
N GLU A 359 -30.61 2.25 -25.95
CA GLU A 359 -31.07 1.27 -26.97
C GLU A 359 -30.60 -0.14 -26.59
N GLY A 360 -29.41 -0.24 -25.98
CA GLY A 360 -28.88 -1.50 -25.41
C GLY A 360 -29.73 -2.02 -24.27
N MET A 361 -30.29 -1.13 -23.44
CA MET A 361 -31.15 -1.47 -22.28
C MET A 361 -32.53 -1.92 -22.77
N ILE A 362 -33.07 -1.27 -23.81
CA ILE A 362 -34.36 -1.63 -24.45
C ILE A 362 -34.25 -3.07 -24.97
N THR A 363 -33.17 -3.36 -25.72
CA THR A 363 -32.82 -4.71 -26.23
C THR A 363 -32.72 -5.70 -25.06
N THR A 364 -32.08 -5.28 -23.96
CA THR A 364 -31.88 -6.10 -22.73
C THR A 364 -33.25 -6.45 -22.12
N ALA A 365 -34.16 -5.48 -22.03
CA ALA A 365 -35.51 -5.65 -21.46
C ALA A 365 -36.32 -6.63 -22.33
N ARG A 366 -36.21 -6.48 -23.66
CA ARG A 366 -36.83 -7.40 -24.66
C ARG A 366 -36.33 -8.82 -24.42
N PHE A 367 -35.01 -8.99 -24.35
CA PHE A 367 -34.33 -10.30 -24.16
C PHE A 367 -34.83 -10.97 -22.88
N ALA A 368 -34.91 -10.21 -21.79
CA ALA A 368 -35.39 -10.69 -20.46
C ALA A 368 -36.86 -11.10 -20.57
N ARG A 369 -37.67 -10.35 -21.31
CA ARG A 369 -39.13 -10.58 -21.46
C ARG A 369 -39.38 -11.84 -22.29
N GLU A 370 -38.72 -11.95 -23.44
CA GLU A 370 -38.98 -13.02 -24.45
C GLU A 370 -38.43 -14.37 -23.97
N ASN A 371 -37.32 -14.36 -23.23
CA ASN A 371 -36.64 -15.59 -22.72
C ASN A 371 -37.02 -15.85 -21.26
N ASN A 372 -38.03 -15.15 -20.73
CA ASN A 372 -38.59 -15.33 -19.37
C ASN A 372 -37.46 -15.32 -18.33
N ILE A 373 -36.49 -14.41 -18.48
CA ILE A 373 -35.40 -14.16 -17.50
C ILE A 373 -35.90 -13.11 -16.51
N PRO A 374 -35.89 -13.40 -15.18
CA PRO A 374 -36.32 -12.41 -14.18
C PRO A 374 -35.70 -11.03 -14.45
N TYR A 375 -36.52 -9.99 -14.38
CA TYR A 375 -36.16 -8.59 -14.71
C TYR A 375 -36.65 -7.63 -13.61
N LEU A 376 -35.74 -6.80 -13.11
CA LEU A 376 -36.05 -5.61 -12.27
C LEU A 376 -35.53 -4.38 -13.01
N GLY A 377 -36.42 -3.45 -13.35
CA GLY A 377 -36.09 -2.14 -13.93
C GLY A 377 -36.31 -1.05 -12.90
N ILE A 378 -35.32 -0.18 -12.70
CA ILE A 378 -35.41 0.96 -11.74
C ILE A 378 -35.27 2.26 -12.52
N CYS A 379 -36.33 3.08 -12.48
CA CYS A 379 -36.43 4.42 -13.11
C CYS A 379 -36.23 4.31 -14.63
N LEU A 380 -35.00 4.47 -15.13
CA LEU A 380 -34.66 4.26 -16.57
C LEU A 380 -34.95 2.81 -16.95
N GLY A 381 -34.70 1.86 -16.06
CA GLY A 381 -34.95 0.42 -16.26
C GLY A 381 -36.43 0.13 -16.47
N MET A 382 -37.31 0.99 -15.95
CA MET A 382 -38.77 0.94 -16.19
C MET A 382 -39.09 1.60 -17.53
N GLN A 383 -38.51 2.77 -17.80
CA GLN A 383 -38.71 3.52 -19.06
C GLN A 383 -38.41 2.58 -20.24
N VAL A 384 -37.25 1.93 -20.23
CA VAL A 384 -36.78 1.04 -21.35
C VAL A 384 -37.64 -0.23 -21.41
N ALA A 385 -38.22 -0.67 -20.29
CA ALA A 385 -39.15 -1.82 -20.22
C ALA A 385 -40.49 -1.43 -20.88
N LEU A 386 -40.99 -0.21 -20.61
CA LEU A 386 -42.22 0.34 -21.23
C LEU A 386 -41.99 0.53 -22.74
N ILE A 387 -40.85 1.11 -23.11
CA ILE A 387 -40.44 1.33 -24.54
C ILE A 387 -40.40 -0.02 -25.25
N ASP A 388 -39.70 -1.00 -24.68
CA ASP A 388 -39.58 -2.39 -25.21
C ASP A 388 -40.99 -2.93 -25.53
N TYR A 389 -41.91 -2.86 -24.58
CA TYR A 389 -43.27 -3.45 -24.67
C TYR A 389 -44.13 -2.67 -25.67
N ALA A 390 -43.91 -1.35 -25.76
CA ALA A 390 -44.64 -0.45 -26.68
C ALA A 390 -44.27 -0.80 -28.13
N ARG A 391 -42.97 -1.03 -28.40
CA ARG A 391 -42.44 -1.31 -29.76
C ARG A 391 -42.81 -2.73 -30.20
N HIS A 392 -42.51 -3.73 -29.37
CA HIS A 392 -42.40 -5.15 -29.78
C HIS A 392 -43.66 -5.96 -29.43
N VAL A 393 -44.60 -5.40 -28.67
CA VAL A 393 -45.88 -6.07 -28.29
C VAL A 393 -47.08 -5.21 -28.69
N ALA A 394 -47.09 -3.92 -28.32
CA ALA A 394 -48.17 -2.96 -28.61
C ALA A 394 -47.99 -2.36 -30.02
N ASN A 395 -46.89 -2.71 -30.71
CA ASN A 395 -46.62 -2.37 -32.13
C ASN A 395 -46.73 -0.85 -32.32
N MET A 396 -45.91 -0.10 -31.57
CA MET A 396 -45.71 1.37 -31.70
C MET A 396 -44.30 1.63 -32.21
N GLU A 397 -44.14 1.77 -33.54
CA GLU A 397 -42.83 1.93 -34.22
C GLU A 397 -42.05 3.08 -33.57
N ASN A 398 -40.81 2.82 -33.15
CA ASN A 398 -39.82 3.82 -32.64
C ASN A 398 -40.34 4.52 -31.39
N ALA A 399 -41.21 3.87 -30.60
CA ALA A 399 -41.72 4.37 -29.30
C ALA A 399 -40.52 4.69 -28.41
N ASN A 400 -40.50 5.87 -27.79
CA ASN A 400 -39.31 6.38 -27.07
C ASN A 400 -39.73 7.36 -25.96
N SER A 401 -38.75 7.89 -25.24
CA SER A 401 -38.89 9.00 -24.27
C SER A 401 -38.53 10.32 -24.97
N THR A 402 -39.21 11.41 -24.61
CA THR A 402 -38.92 12.79 -25.10
C THR A 402 -37.53 13.23 -24.64
N GLU A 403 -37.00 12.65 -23.56
CA GLU A 403 -35.63 12.91 -23.04
C GLU A 403 -34.61 12.61 -24.14
N PHE A 404 -34.87 11.61 -24.98
CA PHE A 404 -33.93 11.05 -25.98
C PHE A 404 -34.32 11.48 -27.40
N VAL A 405 -35.59 11.32 -27.78
CA VAL A 405 -36.16 11.73 -29.10
C VAL A 405 -37.37 12.63 -28.83
N PRO A 406 -37.18 13.97 -28.77
CA PRO A 406 -38.25 14.89 -28.38
C PRO A 406 -39.55 14.80 -29.20
N ASP A 407 -39.44 14.51 -30.51
CA ASP A 407 -40.54 14.67 -31.49
C ASP A 407 -40.93 13.31 -32.11
N CYS A 408 -40.74 12.20 -31.38
CA CYS A 408 -41.17 10.84 -31.82
C CYS A 408 -42.70 10.76 -31.78
N LYS A 409 -43.29 9.89 -32.62
CA LYS A 409 -44.75 9.76 -32.77
C LYS A 409 -45.36 9.25 -31.46
N TYR A 410 -44.70 8.29 -30.80
CA TYR A 410 -45.16 7.61 -29.57
C TYR A 410 -44.22 7.96 -28.40
N PRO A 411 -44.34 9.17 -27.80
CA PRO A 411 -43.61 9.50 -26.58
C PRO A 411 -44.25 8.82 -25.36
N VAL A 412 -43.98 7.52 -25.19
CA VAL A 412 -44.56 6.67 -24.12
C VAL A 412 -44.03 7.13 -22.76
N VAL A 413 -42.87 7.79 -22.74
CA VAL A 413 -42.27 8.48 -21.56
C VAL A 413 -42.00 9.93 -21.94
N ALA A 414 -42.43 10.88 -21.09
CA ALA A 414 -42.27 12.33 -21.32
C ALA A 414 -42.63 13.11 -20.06
N LEU A 415 -42.20 14.37 -19.98
CA LEU A 415 -42.64 15.34 -18.94
C LEU A 415 -44.17 15.45 -19.03
N ILE A 416 -44.84 15.66 -17.89
CA ILE A 416 -46.33 15.78 -17.82
C ILE A 416 -46.79 16.87 -18.79
N THR A 417 -46.02 17.96 -18.90
CA THR A 417 -46.33 19.17 -19.72
C THR A 417 -46.16 18.87 -21.23
N GLU A 418 -45.36 17.86 -21.58
CA GLU A 418 -45.09 17.44 -22.98
C GLU A 418 -46.08 16.36 -23.43
N TRP A 419 -46.85 15.77 -22.50
CA TRP A 419 -47.78 14.64 -22.78
C TRP A 419 -48.62 14.94 -24.03
N ARG A 420 -48.49 14.09 -25.04
CA ARG A 420 -49.31 14.10 -26.28
C ARG A 420 -49.58 12.66 -26.71
N ASP A 421 -50.45 12.46 -27.70
CA ASP A 421 -50.76 11.13 -28.27
C ASP A 421 -50.05 10.98 -29.62
N GLU A 422 -50.35 9.90 -30.34
CA GLU A 422 -49.70 9.52 -31.64
C GLU A 422 -49.95 10.61 -32.71
N ASN A 423 -51.09 11.31 -32.65
CA ASN A 423 -51.52 12.32 -33.65
C ASN A 423 -51.12 13.73 -33.19
N GLY A 424 -50.61 13.87 -31.97
CA GLY A 424 -50.10 15.14 -31.41
C GLY A 424 -51.13 15.87 -30.55
N ASN A 425 -52.22 15.18 -30.17
CA ASN A 425 -53.30 15.73 -29.31
C ASN A 425 -52.83 15.71 -27.84
N VAL A 426 -53.24 16.72 -27.06
CA VAL A 426 -52.77 16.97 -25.67
C VAL A 426 -53.96 16.87 -24.70
N GLU A 427 -53.70 16.99 -23.40
CA GLU A 427 -54.74 17.12 -22.34
C GLU A 427 -55.11 18.60 -22.21
N VAL A 428 -56.28 18.89 -21.65
CA VAL A 428 -56.87 20.28 -21.58
C VAL A 428 -55.85 21.22 -20.92
N THR A 438 -41.46 19.02 -14.07
CA THR A 438 -41.22 19.21 -12.61
C THR A 438 -40.57 17.95 -12.03
N MET A 439 -39.50 18.15 -11.27
CA MET A 439 -38.67 17.08 -10.64
C MET A 439 -39.43 16.49 -9.45
N ARG A 440 -39.52 15.15 -9.38
CA ARG A 440 -40.05 14.41 -8.21
C ARG A 440 -38.86 13.88 -7.40
N LEU A 441 -38.74 14.31 -6.15
CA LEU A 441 -37.61 13.99 -5.25
C LEU A 441 -38.13 13.56 -3.88
N GLY A 442 -37.71 12.38 -3.42
CA GLY A 442 -37.89 11.94 -2.03
C GLY A 442 -39.07 10.99 -1.89
N ALA A 443 -39.50 10.79 -0.65
CA ALA A 443 -40.54 9.80 -0.26
C ALA A 443 -41.89 10.27 -0.79
N GLN A 444 -42.53 9.43 -1.61
CA GLN A 444 -43.91 9.63 -2.10
C GLN A 444 -44.68 8.32 -1.89
N GLN A 445 -45.92 8.42 -1.41
CA GLN A 445 -46.84 7.26 -1.26
C GLN A 445 -47.18 6.74 -2.66
N CYS A 446 -47.24 5.42 -2.80
CA CYS A 446 -47.60 4.71 -4.07
CA CYS A 446 -47.60 4.73 -4.07
C CYS A 446 -48.69 3.68 -3.79
N GLN A 447 -49.82 3.78 -4.49
CA GLN A 447 -50.97 2.86 -4.35
C GLN A 447 -50.67 1.61 -5.18
N LEU A 448 -50.73 0.42 -4.56
CA LEU A 448 -50.47 -0.88 -5.23
C LEU A 448 -51.79 -1.50 -5.68
N VAL A 449 -51.79 -2.13 -6.86
CA VAL A 449 -52.99 -2.75 -7.51
C VAL A 449 -53.19 -4.15 -6.93
N ASP A 450 -54.45 -4.56 -6.78
CA ASP A 450 -54.90 -5.71 -5.95
C ASP A 450 -54.25 -7.03 -6.40
N ASP A 451 -54.28 -7.34 -7.70
CA ASP A 451 -53.82 -8.65 -8.26
C ASP A 451 -52.42 -8.49 -8.88
N SER A 452 -51.51 -7.79 -8.18
CA SER A 452 -50.14 -7.51 -8.67
C SER A 452 -49.11 -8.30 -7.86
N LEU A 453 -48.00 -8.67 -8.49
CA LEU A 453 -46.82 -9.34 -7.87
C LEU A 453 -46.30 -8.50 -6.72
N VAL A 454 -46.16 -7.19 -6.91
CA VAL A 454 -45.56 -6.25 -5.92
C VAL A 454 -46.49 -6.10 -4.71
N ARG A 455 -47.81 -6.14 -4.91
CA ARG A 455 -48.82 -6.04 -3.83
C ARG A 455 -48.60 -7.17 -2.82
N GLN A 456 -48.19 -8.35 -3.29
CA GLN A 456 -47.98 -9.57 -2.45
C GLN A 456 -46.57 -9.56 -1.84
N LEU A 457 -45.60 -8.89 -2.49
CA LEU A 457 -44.21 -8.76 -1.98
C LEU A 457 -44.16 -7.74 -0.84
N TYR A 458 -44.74 -6.56 -1.06
CA TYR A 458 -44.81 -5.46 -0.06
C TYR A 458 -45.84 -5.79 1.02
N ASN A 459 -46.82 -6.65 0.71
CA ASN A 459 -47.92 -7.08 1.62
C ASN A 459 -48.55 -5.85 2.29
N ALA A 460 -48.88 -4.84 1.49
CA ALA A 460 -49.60 -3.62 1.93
C ALA A 460 -50.18 -2.93 0.70
N PRO A 461 -51.31 -2.19 0.83
CA PRO A 461 -51.92 -1.51 -0.31
C PRO A 461 -51.15 -0.26 -0.73
N THR A 462 -50.54 0.44 0.23
CA THR A 462 -49.73 1.66 0.01
C THR A 462 -48.29 1.40 0.49
N ILE A 463 -47.32 1.94 -0.24
CA ILE A 463 -45.86 1.89 0.10
C ILE A 463 -45.30 3.31 -0.02
N VAL A 464 -44.26 3.62 0.75
CA VAL A 464 -43.46 4.87 0.61
C VAL A 464 -42.11 4.49 0.01
N GLU A 465 -41.80 5.02 -1.17
CA GLU A 465 -40.49 4.86 -1.84
C GLU A 465 -40.02 6.23 -2.31
N ARG A 466 -38.74 6.33 -2.70
CA ARG A 466 -38.04 7.62 -2.98
C ARG A 466 -37.81 7.76 -4.47
N HIS A 467 -38.12 8.95 -5.01
CA HIS A 467 -38.05 9.28 -6.47
C HIS A 467 -36.85 10.20 -6.73
N ARG A 468 -36.33 10.16 -7.95
CA ARG A 468 -35.42 11.17 -8.54
C ARG A 468 -35.52 11.07 -10.07
N HIS A 469 -36.52 11.74 -10.65
CA HIS A 469 -36.86 11.73 -12.10
C HIS A 469 -37.89 12.83 -12.39
N ARG A 470 -37.91 13.35 -13.61
CA ARG A 470 -38.93 14.32 -14.09
C ARG A 470 -39.76 13.69 -15.23
N TYR A 471 -39.22 12.70 -15.93
CA TYR A 471 -39.84 12.04 -17.11
C TYR A 471 -40.76 10.90 -16.66
N GLU A 472 -42.07 11.07 -16.85
CA GLU A 472 -43.14 10.17 -16.37
C GLU A 472 -43.64 9.27 -17.51
N VAL A 473 -44.44 8.24 -17.18
CA VAL A 473 -45.17 7.42 -18.18
C VAL A 473 -46.30 8.28 -18.77
N ASN A 474 -46.37 8.37 -20.09
CA ASN A 474 -47.41 9.12 -20.84
C ASN A 474 -48.75 8.38 -20.69
N ASN A 475 -49.67 8.92 -19.88
CA ASN A 475 -51.01 8.34 -19.60
C ASN A 475 -51.85 8.32 -20.87
N MET A 476 -51.52 9.19 -21.84
CA MET A 476 -52.27 9.34 -23.12
C MET A 476 -51.99 8.15 -24.04
N LEU A 477 -50.83 7.48 -23.88
CA LEU A 477 -50.44 6.29 -24.69
C LEU A 477 -50.52 5.02 -23.85
N LEU A 478 -50.84 5.14 -22.56
CA LEU A 478 -50.82 4.01 -21.58
C LEU A 478 -51.92 3.00 -21.91
N LYS A 479 -53.14 3.49 -22.16
CA LYS A 479 -54.36 2.67 -22.39
C LYS A 479 -54.11 1.68 -23.54
N GLN A 480 -53.34 2.12 -24.55
CA GLN A 480 -52.97 1.30 -25.74
C GLN A 480 -52.01 0.17 -25.33
N ILE A 481 -51.05 0.46 -24.45
CA ILE A 481 -50.01 -0.52 -23.98
C ILE A 481 -50.67 -1.50 -23.00
N GLU A 482 -51.64 -1.03 -22.21
CA GLU A 482 -52.40 -1.85 -21.22
C GLU A 482 -53.21 -2.93 -21.97
N ASP A 483 -53.86 -2.57 -23.08
CA ASP A 483 -54.67 -3.49 -23.92
C ASP A 483 -53.77 -4.56 -24.55
N ALA A 484 -52.49 -4.24 -24.78
CA ALA A 484 -51.48 -5.13 -25.40
C ALA A 484 -50.93 -6.13 -24.37
N GLY A 485 -51.25 -5.98 -23.08
CA GLY A 485 -50.99 -6.99 -22.04
C GLY A 485 -50.26 -6.47 -20.81
N LEU A 486 -49.66 -5.27 -20.88
CA LEU A 486 -48.87 -4.68 -19.77
C LEU A 486 -49.81 -4.28 -18.62
N ARG A 487 -49.46 -4.69 -17.39
CA ARG A 487 -50.24 -4.37 -16.17
C ARG A 487 -49.56 -3.24 -15.40
N VAL A 488 -50.31 -2.16 -15.12
CA VAL A 488 -49.93 -1.12 -14.12
C VAL A 488 -50.11 -1.74 -12.73
N ALA A 489 -49.01 -1.92 -11.99
CA ALA A 489 -48.98 -2.55 -10.65
C ALA A 489 -49.07 -1.48 -9.55
N GLY A 490 -48.78 -0.22 -9.87
CA GLY A 490 -48.75 0.87 -8.87
C GLY A 490 -48.85 2.25 -9.51
N ARG A 491 -49.60 3.15 -8.87
CA ARG A 491 -49.80 4.56 -9.26
C ARG A 491 -49.64 5.44 -8.01
N SER A 492 -49.50 6.76 -8.18
CA SER A 492 -49.35 7.74 -7.07
C SER A 492 -49.93 9.11 -7.46
N GLY A 493 -50.42 9.85 -6.46
CA GLY A 493 -50.89 11.24 -6.61
C GLY A 493 -52.27 11.31 -7.25
N ASP A 494 -52.78 12.54 -7.45
CA ASP A 494 -54.09 12.81 -8.10
C ASP A 494 -53.92 12.71 -9.62
N ASP A 495 -52.69 12.87 -10.12
CA ASP A 495 -52.32 12.73 -11.56
C ASP A 495 -52.21 11.25 -11.93
N GLN A 496 -52.44 10.33 -10.98
CA GLN A 496 -52.41 8.86 -11.18
C GLN A 496 -51.22 8.50 -12.07
N LEU A 497 -50.02 8.98 -11.70
CA LEU A 497 -48.75 8.70 -12.42
C LEU A 497 -48.37 7.23 -12.19
N VAL A 498 -47.92 6.55 -13.24
CA VAL A 498 -47.55 5.10 -13.21
C VAL A 498 -46.21 4.97 -12.48
N GLU A 499 -46.20 4.20 -11.38
CA GLU A 499 -45.02 3.99 -10.51
C GLU A 499 -44.41 2.62 -10.78
N ILE A 500 -45.23 1.58 -10.93
CA ILE A 500 -44.78 0.18 -11.15
C ILE A 500 -45.56 -0.43 -12.32
N ILE A 501 -44.87 -1.19 -13.18
CA ILE A 501 -45.46 -1.99 -14.28
C ILE A 501 -44.97 -3.44 -14.13
N GLU A 502 -45.75 -4.38 -14.67
CA GLU A 502 -45.45 -5.84 -14.66
C GLU A 502 -45.83 -6.43 -16.02
N VAL A 503 -45.09 -7.44 -16.47
CA VAL A 503 -45.43 -8.30 -17.64
C VAL A 503 -45.94 -9.62 -17.08
N PRO A 504 -47.28 -9.82 -16.96
CA PRO A 504 -47.82 -10.96 -16.22
C PRO A 504 -47.68 -12.34 -16.91
N ASN A 505 -47.26 -12.37 -18.19
CA ASN A 505 -46.93 -13.61 -18.93
C ASN A 505 -45.44 -13.89 -18.79
N HIS A 506 -44.94 -13.88 -17.55
CA HIS A 506 -43.50 -13.91 -17.18
C HIS A 506 -43.36 -14.31 -15.71
N PRO A 507 -42.37 -15.16 -15.35
CA PRO A 507 -42.19 -15.55 -13.95
C PRO A 507 -42.01 -14.37 -12.99
N TRP A 508 -41.10 -13.44 -13.30
CA TRP A 508 -40.80 -12.23 -12.49
C TRP A 508 -40.28 -11.10 -13.38
N PHE A 509 -41.18 -10.20 -13.79
CA PHE A 509 -40.85 -8.98 -14.59
C PHE A 509 -41.52 -7.79 -13.92
N VAL A 510 -40.73 -6.96 -13.22
CA VAL A 510 -41.20 -5.76 -12.48
C VAL A 510 -40.28 -4.59 -12.84
N ALA A 511 -40.84 -3.39 -12.91
CA ALA A 511 -40.08 -2.14 -13.13
C ALA A 511 -40.81 -1.00 -12.42
N CYS A 512 -40.08 -0.21 -11.64
CA CYS A 512 -40.63 0.92 -10.84
C CYS A 512 -39.95 2.23 -11.25
N GLN A 513 -40.64 3.35 -11.05
CA GLN A 513 -40.11 4.72 -11.27
C GLN A 513 -39.14 5.07 -10.14
N PHE A 514 -39.52 4.72 -8.90
CA PHE A 514 -38.77 5.04 -7.66
C PHE A 514 -37.49 4.20 -7.58
N HIS A 515 -36.63 4.52 -6.61
CA HIS A 515 -35.35 3.84 -6.32
C HIS A 515 -35.52 3.01 -5.05
N PRO A 516 -36.01 1.75 -5.15
CA PRO A 516 -36.23 0.93 -3.96
C PRO A 516 -34.94 0.68 -3.18
N GLU A 517 -33.80 0.71 -3.88
CA GLU A 517 -32.44 0.44 -3.34
C GLU A 517 -32.10 1.39 -2.18
N PHE A 518 -32.74 2.56 -2.07
CA PHE A 518 -32.43 3.60 -1.05
C PHE A 518 -33.08 3.28 0.30
N THR A 519 -34.03 2.34 0.35
CA THR A 519 -34.72 1.93 1.62
C THR A 519 -34.29 0.51 2.03
N SER A 520 -33.53 -0.19 1.17
CA SER A 520 -32.98 -1.54 1.46
C SER A 520 -31.85 -1.43 2.48
N THR A 521 -31.93 -2.22 3.56
CA THR A 521 -30.88 -2.35 4.60
C THR A 521 -30.47 -3.81 4.69
N PRO A 522 -29.23 -4.14 5.14
CA PRO A 522 -28.83 -5.54 5.31
C PRO A 522 -29.61 -6.25 6.42
N ARG A 523 -30.12 -5.52 7.42
CA ARG A 523 -30.86 -6.08 8.59
C ARG A 523 -32.32 -6.34 8.25
N ASP A 524 -32.99 -5.39 7.59
CA ASP A 524 -34.45 -5.43 7.34
C ASP A 524 -34.74 -5.79 5.87
N GLY A 525 -33.70 -5.87 5.03
CA GLY A 525 -33.81 -6.27 3.61
C GLY A 525 -34.74 -5.34 2.85
N HIS A 526 -35.27 -5.82 1.72
CA HIS A 526 -36.29 -5.10 0.91
C HIS A 526 -37.17 -6.11 0.21
N PRO A 527 -38.51 -5.98 0.31
CA PRO A 527 -39.43 -6.96 -0.26
C PRO A 527 -39.21 -7.23 -1.76
N LEU A 528 -39.02 -6.15 -2.54
CA LEU A 528 -38.90 -6.19 -4.02
C LEU A 528 -37.65 -6.96 -4.42
N PHE A 529 -36.51 -6.68 -3.77
CA PHE A 529 -35.18 -7.28 -4.09
C PHE A 529 -35.13 -8.73 -3.58
N ALA A 530 -35.71 -8.98 -2.41
CA ALA A 530 -35.88 -10.34 -1.84
C ALA A 530 -36.60 -11.21 -2.88
N GLY A 531 -37.68 -10.69 -3.47
CA GLY A 531 -38.48 -11.37 -4.50
C GLY A 531 -37.70 -11.58 -5.79
N PHE A 532 -36.96 -10.56 -6.24
CA PHE A 532 -36.16 -10.56 -7.48
C PHE A 532 -35.08 -11.66 -7.39
N VAL A 533 -34.36 -11.71 -6.27
CA VAL A 533 -33.25 -12.69 -6.06
C VAL A 533 -33.85 -14.09 -5.88
N LYS A 534 -35.04 -14.19 -5.24
CA LYS A 534 -35.78 -15.47 -5.11
C LYS A 534 -36.12 -15.99 -6.51
N ALA A 535 -36.68 -15.12 -7.37
CA ALA A 535 -37.05 -15.43 -8.77
C ALA A 535 -35.81 -15.86 -9.56
N ALA A 536 -34.66 -15.23 -9.31
CA ALA A 536 -33.37 -15.56 -9.96
C ALA A 536 -32.92 -16.96 -9.53
N SER A 537 -33.06 -17.29 -8.24
CA SER A 537 -32.78 -18.62 -7.65
C SER A 537 -33.66 -19.68 -8.31
N GLU A 538 -34.97 -19.39 -8.39
CA GLU A 538 -35.98 -20.27 -9.05
C GLU A 538 -35.58 -20.54 -10.50
N PHE A 539 -35.19 -19.48 -11.24
CA PHE A 539 -34.77 -19.56 -12.66
C PHE A 539 -33.50 -20.40 -12.80
N GLN A 540 -32.53 -20.21 -11.90
CA GLN A 540 -31.23 -20.93 -11.90
C GLN A 540 -31.49 -22.44 -11.77
N LYS A 541 -32.36 -22.83 -10.84
CA LYS A 541 -32.77 -24.24 -10.56
C LYS A 541 -33.37 -24.87 -11.81
N ARG A 542 -34.20 -24.13 -12.56
CA ARG A 542 -34.95 -24.63 -13.75
C ARG A 542 -34.01 -24.97 -14.91
N GLN A 543 -32.76 -24.47 -14.91
CA GLN A 543 -31.76 -24.75 -15.98
C GLN A 543 -30.95 -25.99 -15.62
N MET B 1 35.71 19.16 -16.26
CA MET B 1 34.34 19.72 -16.10
C MET B 1 33.96 19.70 -14.60
N THR B 2 33.02 20.56 -14.20
CA THR B 2 32.53 20.68 -12.80
C THR B 2 31.82 19.38 -12.41
N THR B 3 32.03 18.90 -11.18
CA THR B 3 31.37 17.71 -10.61
C THR B 3 29.88 18.01 -10.40
N ASN B 4 29.02 17.10 -10.85
CA ASN B 4 27.54 17.18 -10.72
C ASN B 4 27.10 16.29 -9.55
N TYR B 5 26.09 16.74 -8.81
CA TYR B 5 25.53 16.02 -7.63
C TYR B 5 24.06 15.75 -7.87
N ILE B 6 23.65 14.50 -7.64
CA ILE B 6 22.23 14.07 -7.56
C ILE B 6 21.98 13.68 -6.10
N PHE B 7 21.19 14.48 -5.39
CA PHE B 7 20.77 14.22 -4.00
C PHE B 7 19.50 13.37 -4.05
N VAL B 8 19.57 12.16 -3.52
CA VAL B 8 18.46 11.18 -3.54
C VAL B 8 17.85 11.11 -2.14
N THR B 9 16.62 11.56 -1.99
CA THR B 9 15.84 11.56 -0.72
C THR B 9 14.68 10.60 -0.85
N GLY B 10 14.15 10.13 0.29
CA GLY B 10 12.98 9.26 0.38
C GLY B 10 11.86 9.95 1.14
N GLY B 11 10.62 9.79 0.65
CA GLY B 11 9.41 10.35 1.29
C GLY B 11 8.41 9.25 1.61
N VAL B 12 7.44 9.57 2.47
CA VAL B 12 6.25 8.75 2.81
C VAL B 12 6.64 7.63 3.78
N VAL B 13 7.49 6.69 3.34
CA VAL B 13 7.99 5.55 4.15
C VAL B 13 9.45 5.30 3.82
N SER B 14 10.16 4.58 4.70
CA SER B 14 11.44 3.91 4.40
C SER B 14 11.14 2.58 3.69
N SER B 15 12.16 1.81 3.31
CA SER B 15 12.02 0.51 2.61
C SER B 15 11.41 0.73 1.20
N LEU B 16 11.77 1.83 0.54
CA LEU B 16 11.39 2.14 -0.86
C LEU B 16 12.38 1.51 -1.85
N GLY B 17 13.48 0.91 -1.37
CA GLY B 17 14.57 0.40 -2.22
C GLY B 17 15.40 1.52 -2.81
N LYS B 18 15.57 2.61 -2.04
CA LYS B 18 16.21 3.88 -2.50
C LYS B 18 17.68 3.61 -2.85
N GLY B 19 18.34 2.72 -2.11
CA GLY B 19 19.73 2.29 -2.37
C GLY B 19 19.85 1.65 -3.73
N ILE B 20 18.98 0.68 -4.01
CA ILE B 20 18.95 -0.06 -5.30
C ILE B 20 18.56 0.90 -6.44
N ALA B 21 17.63 1.83 -6.20
CA ALA B 21 17.19 2.86 -7.18
C ALA B 21 18.38 3.76 -7.56
N ALA B 22 19.13 4.24 -6.56
CA ALA B 22 20.32 5.09 -6.74
C ALA B 22 21.42 4.30 -7.46
N ALA B 23 21.66 3.07 -7.02
CA ALA B 23 22.64 2.13 -7.62
C ALA B 23 22.29 1.88 -9.09
N SER B 24 21.01 1.62 -9.37
CA SER B 24 20.48 1.38 -10.75
C SER B 24 20.73 2.60 -11.63
N LEU B 25 20.50 3.82 -11.12
CA LEU B 25 20.70 5.07 -11.89
C LEU B 25 22.20 5.26 -12.14
N ALA B 26 23.04 4.97 -11.14
CA ALA B 26 24.51 5.03 -11.26
C ALA B 26 24.97 4.05 -12.34
N ALA B 27 24.34 2.86 -12.41
CA ALA B 27 24.63 1.79 -13.41
C ALA B 27 24.38 2.31 -14.82
N ILE B 28 23.25 3.01 -15.03
CA ILE B 28 22.86 3.57 -16.36
C ILE B 28 23.90 4.64 -16.74
N LEU B 29 24.25 5.51 -15.81
CA LEU B 29 25.22 6.61 -16.03
C LEU B 29 26.61 6.00 -16.30
N GLU B 30 27.00 4.95 -15.58
CA GLU B 30 28.29 4.25 -15.81
C GLU B 30 28.25 3.62 -17.21
N ALA B 31 27.11 3.06 -17.62
CA ALA B 31 26.88 2.41 -18.94
C ALA B 31 26.92 3.46 -20.07
N ARG B 32 27.06 4.74 -19.72
CA ARG B 32 27.19 5.88 -20.67
C ARG B 32 28.65 6.33 -20.76
N GLY B 33 29.54 5.72 -19.97
CA GLY B 33 30.98 6.07 -19.93
C GLY B 33 31.28 7.17 -18.92
N LEU B 34 30.28 7.59 -18.13
CA LEU B 34 30.47 8.65 -17.11
C LEU B 34 31.20 8.06 -15.89
N ASN B 35 32.11 8.84 -15.31
CA ASN B 35 32.77 8.52 -14.02
C ASN B 35 31.79 8.86 -12.89
N VAL B 36 31.16 7.84 -12.32
CA VAL B 36 30.03 7.97 -11.35
C VAL B 36 30.46 7.36 -10.02
N THR B 37 30.10 8.00 -8.91
CA THR B 37 30.18 7.39 -7.55
C THR B 37 28.86 7.62 -6.82
N ILE B 38 28.67 6.87 -5.74
CA ILE B 38 27.49 6.97 -4.83
C ILE B 38 28.02 7.07 -3.41
N MET B 39 27.38 7.87 -2.57
CA MET B 39 27.66 7.85 -1.11
C MET B 39 26.35 7.83 -0.32
N LYS B 40 26.39 7.17 0.83
CA LYS B 40 25.25 6.98 1.75
C LYS B 40 25.47 7.87 2.97
N LEU B 41 24.54 8.79 3.23
CA LEU B 41 24.48 9.61 4.45
C LEU B 41 23.45 8.98 5.39
N ASP B 42 23.90 8.38 6.49
CA ASP B 42 23.05 7.61 7.43
C ASP B 42 22.75 8.48 8.64
N PRO B 43 21.46 8.66 9.02
CA PRO B 43 21.10 9.54 10.13
C PRO B 43 21.26 8.94 11.53
N TYR B 44 21.92 7.79 11.69
CA TYR B 44 22.13 7.18 13.03
CA TYR B 44 22.19 7.13 12.99
C TYR B 44 23.38 7.80 13.68
N ILE B 45 23.41 7.76 15.02
CA ILE B 45 24.44 8.41 15.87
C ILE B 45 25.62 7.45 16.07
N ASN B 46 25.46 6.16 15.77
CA ASN B 46 26.61 5.23 15.71
C ASN B 46 27.68 5.89 14.83
N VAL B 47 28.91 5.99 15.31
CA VAL B 47 30.04 6.61 14.55
C VAL B 47 30.25 5.81 13.26
N ASP B 48 30.01 4.49 13.33
CA ASP B 48 29.97 3.57 12.17
C ASP B 48 29.25 2.30 12.60
N PRO B 49 28.81 1.45 11.65
CA PRO B 49 28.10 0.21 11.98
C PRO B 49 28.97 -0.88 12.63
N GLY B 50 30.25 -0.62 12.85
CA GLY B 50 31.20 -1.55 13.49
C GLY B 50 30.64 -2.18 14.76
N THR B 51 29.94 -1.41 15.59
CA THR B 51 29.40 -1.84 16.91
C THR B 51 28.04 -2.52 16.76
N MET B 52 27.32 -2.27 15.66
CA MET B 52 25.88 -2.61 15.49
C MET B 52 25.69 -4.14 15.37
N SER B 53 24.55 -4.62 15.85
CA SER B 53 24.09 -6.03 15.79
C SER B 53 23.53 -6.31 14.41
N PRO B 54 24.00 -7.38 13.72
CA PRO B 54 23.45 -7.76 12.42
C PRO B 54 21.92 -7.94 12.42
N ILE B 55 21.35 -8.48 13.51
CA ILE B 55 19.90 -8.79 13.69
C ILE B 55 19.07 -7.50 13.64
N GLN B 56 19.67 -6.34 13.94
CA GLN B 56 18.95 -5.04 14.07
C GLN B 56 19.10 -4.21 12.79
N HIS B 57 20.33 -4.06 12.27
CA HIS B 57 20.66 -3.15 11.14
C HIS B 57 20.82 -3.92 9.82
N GLY B 58 21.13 -5.21 9.89
CA GLY B 58 21.58 -6.02 8.73
C GLY B 58 23.10 -6.13 8.70
N GLU B 59 23.64 -6.70 7.63
CA GLU B 59 25.09 -7.02 7.53
C GLU B 59 25.90 -5.72 7.60
N VAL B 60 27.07 -5.80 8.22
CA VAL B 60 28.14 -4.77 8.14
C VAL B 60 28.91 -5.03 6.85
N PHE B 61 28.78 -4.13 5.88
CA PHE B 61 29.58 -4.20 4.63
C PHE B 61 30.99 -3.71 4.96
N VAL B 62 31.99 -4.35 4.35
CA VAL B 62 33.44 -4.00 4.52
C VAL B 62 33.97 -3.59 3.15
N THR B 63 34.50 -2.37 3.05
CA THR B 63 35.14 -1.81 1.83
C THR B 63 36.58 -2.34 1.74
N GLU B 64 37.25 -2.10 0.62
CA GLU B 64 38.65 -2.53 0.38
C GLU B 64 39.56 -1.89 1.43
N ASP B 65 39.35 -0.59 1.71
CA ASP B 65 40.21 0.22 2.62
C ASP B 65 39.94 -0.15 4.09
N GLY B 66 38.98 -1.05 4.35
CA GLY B 66 38.74 -1.64 5.68
C GLY B 66 37.70 -0.87 6.49
N ALA B 67 36.89 -0.03 5.85
CA ALA B 67 35.78 0.69 6.51
C ALA B 67 34.61 -0.27 6.72
N GLU B 68 33.98 -0.20 7.89
CA GLU B 68 32.69 -0.88 8.20
C GLU B 68 31.59 0.12 7.86
N THR B 69 30.68 -0.25 6.95
CA THR B 69 29.70 0.67 6.31
C THR B 69 28.33 0.01 6.27
N ASP B 70 27.31 0.82 5.94
CA ASP B 70 25.92 0.36 5.67
C ASP B 70 25.95 -0.69 4.55
N LEU B 71 25.05 -1.68 4.61
CA LEU B 71 24.91 -2.75 3.58
C LEU B 71 24.60 -2.14 2.22
N ASP B 72 24.07 -0.91 2.17
CA ASP B 72 23.73 -0.20 0.92
C ASP B 72 24.97 -0.05 0.02
N LEU B 73 26.18 0.04 0.57
CA LEU B 73 27.42 0.16 -0.25
C LEU B 73 27.70 -1.16 -0.96
N GLY B 74 27.16 -2.27 -0.44
CA GLY B 74 27.11 -3.57 -1.13
C GLY B 74 26.27 -3.50 -2.38
N HIS B 75 25.06 -2.91 -2.28
CA HIS B 75 24.19 -2.60 -3.45
C HIS B 75 25.01 -1.79 -4.45
N TYR B 76 25.72 -0.75 -4.00
CA TYR B 76 26.46 0.18 -4.88
C TYR B 76 27.52 -0.58 -5.68
N GLU B 77 28.32 -1.42 -5.01
CA GLU B 77 29.47 -2.13 -5.65
C GLU B 77 28.96 -3.24 -6.58
N ARG B 78 27.74 -3.74 -6.34
CA ARG B 78 27.09 -4.79 -7.18
C ARG B 78 26.42 -4.17 -8.41
N PHE B 79 26.38 -2.83 -8.55
CA PHE B 79 25.75 -2.12 -9.68
C PHE B 79 26.75 -1.25 -10.45
N ILE B 80 27.80 -0.74 -9.80
CA ILE B 80 28.88 0.03 -10.49
C ILE B 80 30.24 -0.54 -10.10
N ARG B 81 31.27 -0.23 -10.89
CA ARG B 81 32.63 -0.85 -10.79
C ARG B 81 33.56 0.08 -10.00
N THR B 82 33.15 1.32 -9.75
CA THR B 82 33.84 2.23 -8.80
C THR B 82 33.89 1.52 -7.44
N LYS B 83 35.07 1.44 -6.83
CA LYS B 83 35.28 0.83 -5.49
C LYS B 83 34.88 1.84 -4.42
N MET B 84 34.07 1.41 -3.46
CA MET B 84 33.65 2.23 -2.29
C MET B 84 34.81 2.29 -1.29
N SER B 85 34.89 3.38 -0.53
CA SER B 85 35.85 3.58 0.58
C SER B 85 35.11 4.24 1.75
N ARG B 86 35.83 4.58 2.83
CA ARG B 86 35.30 5.33 3.99
C ARG B 86 34.57 6.58 3.50
N ARG B 87 35.07 7.22 2.43
CA ARG B 87 34.54 8.50 1.88
C ARG B 87 33.11 8.35 1.32
N ASN B 88 32.58 7.13 1.18
CA ASN B 88 31.29 6.85 0.50
C ASN B 88 30.18 6.61 1.52
N ASN B 89 30.49 6.62 2.80
CA ASN B 89 29.49 6.37 3.88
C ASN B 89 29.92 7.14 5.12
N PHE B 90 29.03 7.94 5.68
CA PHE B 90 29.24 8.58 7.01
C PHE B 90 27.88 8.78 7.66
N THR B 91 27.91 8.86 8.99
CA THR B 91 26.71 8.93 9.85
C THR B 91 26.68 10.30 10.53
N THR B 92 25.52 10.66 11.09
CA THR B 92 25.35 11.82 12.00
C THR B 92 26.41 11.74 13.10
N GLY B 93 26.57 10.54 13.68
CA GLY B 93 27.54 10.25 14.74
C GLY B 93 28.95 10.66 14.36
N ARG B 94 29.40 10.28 13.17
CA ARG B 94 30.73 10.66 12.62
C ARG B 94 30.85 12.18 12.60
N ILE B 95 29.84 12.87 12.07
CA ILE B 95 29.82 14.35 11.90
C ILE B 95 29.89 15.03 13.28
N TYR B 96 29.05 14.62 14.22
CA TYR B 96 28.99 15.22 15.58
C TYR B 96 30.29 14.92 16.33
N SER B 97 30.81 13.70 16.17
CA SER B 97 32.08 13.25 16.77
C SER B 97 33.21 14.17 16.30
N ASP B 98 33.30 14.40 14.99
CA ASP B 98 34.31 15.30 14.36
C ASP B 98 34.15 16.73 14.90
N VAL B 99 32.93 17.27 14.90
CA VAL B 99 32.66 18.69 15.30
C VAL B 99 32.97 18.86 16.80
N LEU B 100 32.58 17.89 17.65
CA LEU B 100 32.84 17.90 19.11
C LEU B 100 34.36 17.90 19.38
N ARG B 101 35.12 17.05 18.67
CA ARG B 101 36.59 16.93 18.81
C ARG B 101 37.24 18.28 18.48
N LYS B 102 36.92 18.82 17.31
CA LYS B 102 37.40 20.15 16.82
C LYS B 102 37.04 21.23 17.86
N GLU B 103 35.85 21.16 18.45
CA GLU B 103 35.33 22.18 19.40
C GLU B 103 36.13 22.12 20.72
N ARG B 104 36.35 20.92 21.25
CA ARG B 104 36.97 20.70 22.59
C ARG B 104 38.43 21.14 22.58
N ARG B 105 39.13 21.04 21.44
CA ARG B 105 40.57 21.39 21.32
C ARG B 105 40.73 22.84 20.84
N GLY B 106 39.65 23.47 20.35
CA GLY B 106 39.56 24.94 20.16
C GLY B 106 39.68 25.38 18.71
N ASP B 107 39.31 24.53 17.75
CA ASP B 107 39.45 24.79 16.30
C ASP B 107 38.45 25.85 15.82
N TYR B 108 37.38 26.12 16.59
CA TYR B 108 36.33 27.11 16.23
C TYR B 108 36.58 28.45 16.92
N LEU B 109 37.70 28.58 17.66
CA LEU B 109 38.25 29.88 18.13
C LEU B 109 37.21 30.60 19.00
N GLY B 110 36.58 29.87 19.92
CA GLY B 110 35.63 30.41 20.91
C GLY B 110 34.28 30.78 20.30
N ALA B 111 34.02 30.38 19.05
CA ALA B 111 32.71 30.58 18.40
C ALA B 111 31.67 29.66 19.07
N THR B 112 30.40 30.06 19.03
CA THR B 112 29.24 29.18 19.34
C THR B 112 29.14 28.16 18.21
N VAL B 113 29.23 26.88 18.51
CA VAL B 113 29.13 25.79 17.50
C VAL B 113 27.65 25.39 17.41
N GLN B 114 27.07 25.53 16.23
CA GLN B 114 25.62 25.36 15.95
C GLN B 114 25.44 24.33 14.84
N VAL B 115 24.27 23.70 14.77
CA VAL B 115 23.91 22.76 13.67
C VAL B 115 24.15 23.49 12.36
N ILE B 116 23.74 24.76 12.28
CA ILE B 116 24.03 25.67 11.13
C ILE B 116 24.86 26.82 11.66
N PRO B 117 26.08 27.09 11.12
CA PRO B 117 26.63 26.36 9.97
C PRO B 117 27.58 25.17 10.21
N HIS B 118 27.91 24.85 11.47
CA HIS B 118 29.06 23.97 11.80
C HIS B 118 28.79 22.50 11.45
N ILE B 119 27.62 21.97 11.80
CA ILE B 119 27.26 20.56 11.47
C ILE B 119 27.05 20.47 9.95
N THR B 120 26.31 21.41 9.37
CA THR B 120 26.02 21.44 7.91
C THR B 120 27.34 21.60 7.13
N ASN B 121 28.28 22.44 7.59
CA ASN B 121 29.59 22.63 6.92
C ASN B 121 30.38 21.31 6.91
N ALA B 122 30.39 20.59 8.04
CA ALA B 122 31.08 19.29 8.18
C ALA B 122 30.46 18.28 7.21
N ILE B 123 29.13 18.29 7.06
CA ILE B 123 28.39 17.39 6.14
C ILE B 123 28.82 17.72 4.71
N LYS B 124 28.77 19.00 4.34
CA LYS B 124 29.13 19.49 2.98
C LYS B 124 30.57 19.09 2.65
N GLU B 125 31.50 19.20 3.61
CA GLU B 125 32.94 18.90 3.40
C GLU B 125 33.10 17.43 3.04
N ARG B 126 32.46 16.52 3.78
CA ARG B 126 32.54 15.05 3.55
C ARG B 126 31.87 14.66 2.23
N VAL B 127 30.82 15.39 1.82
CA VAL B 127 30.13 15.17 0.52
C VAL B 127 31.08 15.59 -0.62
N LEU B 128 31.71 16.76 -0.51
CA LEU B 128 32.71 17.27 -1.50
C LEU B 128 33.94 16.35 -1.52
N GLU B 129 34.42 15.92 -0.34
CA GLU B 129 35.60 15.02 -0.19
C GLU B 129 35.37 13.73 -0.98
N GLY B 130 34.18 13.12 -0.84
CA GLY B 130 33.83 11.83 -1.46
C GLY B 130 33.44 11.96 -2.93
N GLY B 131 33.04 13.15 -3.37
CA GLY B 131 32.43 13.39 -4.68
C GLY B 131 33.40 13.94 -5.72
N GLU B 132 34.20 14.95 -5.35
CA GLU B 132 35.01 15.76 -6.30
C GLU B 132 35.96 14.83 -7.09
N GLY B 133 36.11 15.11 -8.38
CA GLY B 133 36.91 14.30 -9.32
C GLY B 133 36.07 13.22 -10.00
N HIS B 134 34.75 13.26 -9.82
CA HIS B 134 33.76 12.41 -10.53
C HIS B 134 32.91 13.31 -11.42
N ASP B 135 32.29 12.75 -12.46
CA ASP B 135 31.37 13.47 -13.36
C ASP B 135 30.04 13.67 -12.63
N VAL B 136 29.51 12.58 -12.04
CA VAL B 136 28.20 12.56 -11.33
C VAL B 136 28.40 11.84 -10.00
N VAL B 137 27.97 12.48 -8.91
CA VAL B 137 27.97 11.92 -7.53
C VAL B 137 26.50 11.78 -7.11
N LEU B 138 26.05 10.54 -6.89
CA LEU B 138 24.74 10.25 -6.27
C LEU B 138 24.93 10.26 -4.76
N VAL B 139 24.18 11.12 -4.07
CA VAL B 139 24.23 11.26 -2.58
C VAL B 139 22.90 10.78 -2.03
N GLU B 140 22.87 9.56 -1.50
CA GLU B 140 21.68 8.94 -0.88
C GLU B 140 21.56 9.47 0.56
N ILE B 141 20.47 10.19 0.84
CA ILE B 141 20.13 10.73 2.18
C ILE B 141 19.27 9.68 2.89
N GLY B 142 19.82 9.03 3.92
CA GLY B 142 19.08 8.07 4.75
C GLY B 142 17.98 8.76 5.53
N GLY B 143 17.07 7.97 6.09
CA GLY B 143 15.87 8.48 6.77
C GLY B 143 14.84 8.94 5.78
N THR B 144 13.68 9.37 6.27
CA THR B 144 12.52 9.82 5.47
C THR B 144 12.40 11.33 5.64
N VAL B 145 12.08 12.03 4.56
CA VAL B 145 11.80 13.50 4.63
C VAL B 145 10.59 13.69 5.56
N GLY B 146 10.71 14.62 6.50
CA GLY B 146 9.70 14.87 7.54
C GLY B 146 10.17 14.43 8.91
N ASP B 147 11.20 13.59 8.97
CA ASP B 147 11.78 13.08 10.25
C ASP B 147 12.92 14.01 10.68
N ILE B 148 13.09 14.14 11.99
CA ILE B 148 14.07 15.04 12.67
C ILE B 148 15.50 14.63 12.27
N GLU B 149 15.75 13.33 12.18
CA GLU B 149 17.14 12.77 12.11
C GLU B 149 17.84 13.20 10.82
N SER B 150 17.11 13.43 9.72
CA SER B 150 17.70 13.69 8.39
CA SER B 150 17.68 13.70 8.38
C SER B 150 17.80 15.21 8.13
N LEU B 151 17.23 16.05 9.00
CA LEU B 151 17.13 17.51 8.76
C LEU B 151 18.49 18.16 8.51
N PRO B 152 19.54 17.87 9.31
CA PRO B 152 20.86 18.48 9.06
C PRO B 152 21.39 18.11 7.66
N PHE B 153 21.23 16.86 7.24
CA PHE B 153 21.63 16.39 5.88
C PHE B 153 20.86 17.20 4.83
N LEU B 154 19.55 17.33 5.00
CA LEU B 154 18.67 18.04 4.04
C LEU B 154 19.04 19.52 3.98
N GLU B 155 19.36 20.14 5.11
CA GLU B 155 19.77 21.57 5.13
C GLU B 155 21.14 21.70 4.44
N ALA B 156 22.06 20.76 4.71
CA ALA B 156 23.42 20.74 4.11
C ALA B 156 23.30 20.70 2.58
N ILE B 157 22.48 19.80 2.04
CA ILE B 157 22.39 19.60 0.56
C ILE B 157 21.63 20.77 -0.07
N ARG B 158 20.70 21.39 0.67
CA ARG B 158 19.99 22.61 0.21
C ARG B 158 21.03 23.71 -0.02
N GLN B 159 21.93 23.89 0.94
CA GLN B 159 23.03 24.90 0.90
C GLN B 159 23.99 24.57 -0.25
N MET B 160 24.35 23.29 -0.43
CA MET B 160 25.27 22.84 -1.50
C MET B 160 24.68 23.20 -2.86
N ALA B 161 23.40 22.91 -3.08
CA ALA B 161 22.68 23.18 -4.34
C ALA B 161 22.83 24.66 -4.70
N VAL B 162 22.61 25.57 -3.75
CA VAL B 162 22.70 27.04 -3.93
C VAL B 162 24.14 27.43 -4.26
N GLU B 163 25.11 26.98 -3.45
CA GLU B 163 26.55 27.29 -3.60
C GLU B 163 27.06 26.84 -4.96
N ILE B 164 26.94 25.54 -5.25
CA ILE B 164 27.47 24.87 -6.47
C ILE B 164 26.66 25.36 -7.68
N GLY B 165 25.35 25.55 -7.50
CA GLY B 165 24.42 26.03 -8.52
C GLY B 165 23.55 24.91 -9.07
N ARG B 166 22.38 25.26 -9.59
CA ARG B 166 21.33 24.28 -10.02
C ARG B 166 21.62 23.76 -11.42
N GLU B 167 22.71 24.22 -12.04
CA GLU B 167 23.23 23.71 -13.33
C GLU B 167 24.03 22.43 -13.07
N HIS B 168 24.52 22.22 -11.83
CA HIS B 168 25.37 21.06 -11.46
C HIS B 168 24.78 20.25 -10.29
N THR B 169 23.54 20.52 -9.89
CA THR B 169 22.86 19.80 -8.77
C THR B 169 21.42 19.48 -9.17
N LEU B 170 20.97 18.25 -8.87
CA LEU B 170 19.57 17.79 -9.02
C LEU B 170 19.12 17.21 -7.67
N PHE B 171 17.85 17.43 -7.32
CA PHE B 171 17.17 16.74 -6.19
C PHE B 171 16.26 15.68 -6.79
N MET B 172 16.50 14.43 -6.40
CA MET B 172 15.69 13.26 -6.82
C MET B 172 15.00 12.69 -5.57
N HIS B 173 13.68 12.58 -5.61
CA HIS B 173 12.84 12.22 -4.44
C HIS B 173 12.03 10.97 -4.76
N LEU B 174 12.24 9.90 -3.98
CA LEU B 174 11.45 8.65 -4.03
C LEU B 174 10.24 8.81 -3.12
N THR B 175 9.07 8.40 -3.60
CA THR B 175 7.81 8.38 -2.81
C THR B 175 7.09 7.06 -3.05
N LEU B 176 6.15 6.74 -2.17
CA LEU B 176 5.22 5.60 -2.29
C LEU B 176 3.93 6.13 -2.93
N VAL B 177 3.48 5.46 -4.00
CA VAL B 177 2.14 5.67 -4.62
C VAL B 177 1.34 4.39 -4.35
N PRO B 178 0.64 4.31 -3.19
CA PRO B 178 -0.09 3.09 -2.84
C PRO B 178 -1.31 2.87 -3.75
N TYR B 179 -1.54 1.62 -4.15
CA TYR B 179 -2.78 1.16 -4.83
C TYR B 179 -3.79 0.75 -3.75
N MET B 180 -5.01 1.29 -3.83
CA MET B 180 -6.12 0.93 -2.91
C MET B 180 -7.06 -0.02 -3.65
N ALA B 181 -7.34 -1.19 -3.04
CA ALA B 181 -8.22 -2.25 -3.58
C ALA B 181 -9.65 -1.69 -3.75
N ALA B 182 -10.14 -1.00 -2.72
CA ALA B 182 -11.54 -0.49 -2.59
C ALA B 182 -11.94 0.36 -3.81
N SER B 183 -11.03 1.22 -4.30
CA SER B 183 -11.28 2.17 -5.42
C SER B 183 -10.62 1.68 -6.71
N GLY B 184 -9.66 0.75 -6.62
CA GLY B 184 -8.91 0.20 -7.77
C GLY B 184 -8.00 1.23 -8.42
N GLU B 185 -7.63 2.29 -7.69
CA GLU B 185 -6.80 3.42 -8.17
C GLU B 185 -5.52 3.54 -7.33
N VAL B 186 -4.47 4.10 -7.91
CA VAL B 186 -3.22 4.48 -7.17
C VAL B 186 -3.40 5.91 -6.65
N LYS B 187 -2.84 6.20 -5.47
CA LYS B 187 -3.03 7.45 -4.71
C LYS B 187 -1.75 8.30 -4.79
N THR B 188 -1.88 9.53 -5.30
CA THR B 188 -0.77 10.50 -5.44
C THR B 188 -0.66 11.39 -4.20
N LYS B 189 -1.64 11.33 -3.30
CA LYS B 189 -1.74 12.26 -2.14
C LYS B 189 -0.50 12.17 -1.27
N PRO B 190 -0.01 10.96 -0.90
CA PRO B 190 1.21 10.84 -0.10
C PRO B 190 2.43 11.51 -0.78
N THR B 191 2.57 11.37 -2.09
CA THR B 191 3.65 12.03 -2.90
C THR B 191 3.49 13.54 -2.79
N GLN B 192 2.27 14.07 -2.98
CA GLN B 192 1.96 15.52 -2.89
C GLN B 192 2.44 16.04 -1.52
N HIS B 193 2.05 15.36 -0.44
CA HIS B 193 2.34 15.79 0.95
C HIS B 193 3.84 15.66 1.24
N SER B 194 4.51 14.63 0.69
CA SER B 194 5.97 14.40 0.86
C SER B 194 6.75 15.54 0.19
N VAL B 195 6.36 15.93 -1.02
CA VAL B 195 6.99 17.05 -1.76
C VAL B 195 6.77 18.36 -0.98
N LYS B 196 5.57 18.59 -0.43
CA LYS B 196 5.29 19.78 0.42
C LYS B 196 6.27 19.79 1.61
N GLU B 197 6.48 18.63 2.25
CA GLU B 197 7.41 18.48 3.40
C GLU B 197 8.84 18.87 2.97
N LEU B 198 9.26 18.37 1.81
CA LEU B 198 10.60 18.63 1.22
C LEU B 198 10.73 20.12 0.89
N LEU B 199 9.67 20.73 0.37
CA LEU B 199 9.64 22.18 0.05
C LEU B 199 9.71 23.00 1.34
N SER B 200 9.00 22.59 2.39
CA SER B 200 8.95 23.29 3.70
C SER B 200 10.35 23.41 4.30
N ILE B 201 11.30 22.52 3.94
CA ILE B 201 12.71 22.59 4.40
C ILE B 201 13.58 23.27 3.34
N GLY B 202 13.00 23.70 2.21
CA GLY B 202 13.67 24.56 1.22
C GLY B 202 14.20 23.81 0.02
N ILE B 203 13.72 22.59 -0.23
CA ILE B 203 14.18 21.74 -1.38
C ILE B 203 13.01 21.52 -2.35
N GLN B 204 13.13 22.06 -3.56
CA GLN B 204 12.25 21.76 -4.71
C GLN B 204 12.84 20.53 -5.41
N PRO B 205 12.17 19.35 -5.38
CA PRO B 205 12.63 18.20 -6.15
C PRO B 205 12.56 18.46 -7.66
N ASP B 206 13.54 17.97 -8.41
CA ASP B 206 13.63 18.09 -9.89
C ASP B 206 13.08 16.81 -10.53
N ILE B 207 13.22 15.67 -9.83
CA ILE B 207 12.79 14.33 -10.31
C ILE B 207 12.04 13.63 -9.19
N LEU B 208 10.88 13.03 -9.50
CA LEU B 208 10.11 12.17 -8.57
C LEU B 208 10.15 10.73 -9.08
N ILE B 209 10.66 9.83 -8.24
CA ILE B 209 10.63 8.36 -8.48
C ILE B 209 9.47 7.82 -7.65
N CYS B 210 8.38 7.44 -8.30
CA CYS B 210 7.13 6.96 -7.67
C CYS B 210 7.17 5.44 -7.60
N ARG B 211 7.31 4.91 -6.39
CA ARG B 211 7.28 3.45 -6.11
CA ARG B 211 7.29 3.44 -6.12
C ARG B 211 5.83 3.03 -5.87
N SER B 212 5.35 2.05 -6.63
CA SER B 212 4.00 1.42 -6.47
C SER B 212 4.15 -0.07 -6.74
N ASP B 213 3.12 -0.86 -6.47
CA ASP B 213 3.13 -2.33 -6.72
C ASP B 213 2.96 -2.57 -8.24
N ARG B 214 2.42 -1.59 -8.96
CA ARG B 214 2.30 -1.60 -10.45
C ARG B 214 2.73 -0.25 -11.01
N ALA B 215 2.78 -0.12 -12.33
CA ALA B 215 3.19 1.11 -13.04
C ALA B 215 2.22 2.24 -12.68
N VAL B 216 2.75 3.44 -12.44
CA VAL B 216 1.93 4.69 -12.21
C VAL B 216 1.50 5.19 -13.58
N PRO B 217 0.19 5.12 -13.94
CA PRO B 217 -0.28 5.56 -15.25
C PRO B 217 0.00 7.06 -15.51
N ALA B 218 -0.03 7.43 -16.79
CA ALA B 218 0.26 8.80 -17.29
C ALA B 218 -0.60 9.84 -16.57
N ASN B 219 -1.88 9.57 -16.37
CA ASN B 219 -2.87 10.49 -15.72
C ASN B 219 -2.36 10.86 -14.32
N GLU B 220 -1.95 9.87 -13.52
CA GLU B 220 -1.49 10.08 -12.13
C GLU B 220 -0.13 10.80 -12.15
N ARG B 221 0.73 10.50 -13.12
CA ARG B 221 2.07 11.14 -13.25
C ARG B 221 1.88 12.62 -13.61
N ALA B 222 0.89 12.92 -14.45
CA ALA B 222 0.50 14.30 -14.84
C ALA B 222 0.00 15.08 -13.63
N LYS B 223 -0.81 14.43 -12.78
CA LYS B 223 -1.34 15.02 -11.52
C LYS B 223 -0.17 15.35 -10.59
N ILE B 224 0.78 14.43 -10.44
CA ILE B 224 1.97 14.59 -9.56
C ILE B 224 2.81 15.77 -10.07
N ALA B 225 3.09 15.79 -11.38
CA ALA B 225 3.84 16.88 -12.07
C ALA B 225 3.21 18.24 -11.73
N LEU B 226 1.89 18.35 -11.89
CA LEU B 226 1.10 19.59 -11.69
C LEU B 226 1.22 20.08 -10.24
N PHE B 227 1.12 19.17 -9.27
CA PHE B 227 1.04 19.53 -7.83
C PHE B 227 2.45 19.76 -7.24
N CYS B 228 3.50 19.22 -7.86
CA CYS B 228 4.87 19.17 -7.27
C CYS B 228 5.86 20.10 -7.99
N ASN B 229 5.39 20.93 -8.94
CA ASN B 229 6.22 21.90 -9.73
C ASN B 229 7.30 21.14 -10.51
N VAL B 230 7.02 19.91 -10.94
CA VAL B 230 7.99 19.02 -11.65
C VAL B 230 7.44 18.75 -13.05
N PRO B 231 8.26 18.85 -14.12
CA PRO B 231 7.80 18.51 -15.46
C PRO B 231 7.44 17.02 -15.55
N GLU B 232 6.44 16.67 -16.37
CA GLU B 232 5.85 15.31 -16.48
C GLU B 232 6.95 14.28 -16.75
N LYS B 233 7.94 14.61 -17.58
CA LYS B 233 9.00 13.66 -18.02
C LYS B 233 9.97 13.37 -16.86
N ALA B 234 9.96 14.20 -15.82
CA ALA B 234 10.79 14.02 -14.59
C ALA B 234 10.00 13.27 -13.50
N VAL B 235 8.79 12.77 -13.81
CA VAL B 235 8.02 11.88 -12.91
C VAL B 235 8.16 10.45 -13.42
N ILE B 236 8.97 9.65 -12.73
CA ILE B 236 9.38 8.28 -13.13
C ILE B 236 8.57 7.28 -12.31
N SER B 237 8.00 6.29 -12.97
CA SER B 237 7.33 5.13 -12.34
C SER B 237 8.38 4.04 -12.11
N LEU B 238 8.52 3.56 -10.87
CA LEU B 238 9.37 2.38 -10.56
C LEU B 238 8.51 1.36 -9.79
N LYS B 239 7.93 0.41 -10.51
CA LYS B 239 7.01 -0.61 -9.94
C LYS B 239 7.81 -1.61 -9.12
N ASP B 240 7.13 -2.42 -8.31
CA ASP B 240 7.70 -3.64 -7.68
C ASP B 240 8.07 -4.60 -8.82
N VAL B 241 9.37 -4.81 -9.03
CA VAL B 241 9.92 -5.74 -10.07
C VAL B 241 10.24 -7.07 -9.39
N ASP B 242 10.19 -8.16 -10.15
CA ASP B 242 10.54 -9.53 -9.66
C ASP B 242 12.06 -9.66 -9.58
N SER B 243 12.79 -8.76 -10.24
CA SER B 243 14.28 -8.72 -10.25
C SER B 243 14.77 -7.27 -10.25
N ILE B 244 15.70 -6.93 -9.36
CA ILE B 244 16.26 -5.55 -9.21
C ILE B 244 17.16 -5.23 -10.41
N TYR B 245 17.61 -6.25 -11.14
CA TYR B 245 18.56 -6.08 -12.29
C TYR B 245 17.81 -5.47 -13.48
N LYS B 246 16.48 -5.49 -13.44
CA LYS B 246 15.60 -4.86 -14.47
C LYS B 246 15.51 -3.34 -14.27
N ILE B 247 15.79 -2.84 -13.05
CA ILE B 247 15.50 -1.43 -12.66
C ILE B 247 16.30 -0.48 -13.54
N PRO B 248 17.59 -0.74 -13.83
CA PRO B 248 18.34 0.12 -14.74
C PRO B 248 17.64 0.30 -16.10
N GLY B 249 17.08 -0.78 -16.65
CA GLY B 249 16.36 -0.78 -17.93
C GLY B 249 15.10 0.08 -17.84
N LEU B 250 14.30 -0.12 -16.80
CA LEU B 250 13.00 0.57 -16.59
C LEU B 250 13.24 2.08 -16.46
N LEU B 251 14.32 2.49 -15.78
CA LEU B 251 14.66 3.93 -15.60
C LEU B 251 15.09 4.53 -16.94
N LYS B 252 15.92 3.81 -17.71
CA LYS B 252 16.39 4.23 -19.06
C LYS B 252 15.19 4.39 -20.00
N SER B 253 14.26 3.43 -20.00
CA SER B 253 13.07 3.42 -20.89
C SER B 253 12.17 4.64 -20.63
N GLN B 254 12.29 5.28 -19.45
CA GLN B 254 11.49 6.48 -19.07
C GLN B 254 12.32 7.75 -19.24
N GLY B 255 13.57 7.63 -19.71
CA GLY B 255 14.41 8.78 -20.10
C GLY B 255 15.10 9.44 -18.93
N LEU B 256 15.14 8.79 -17.76
CA LEU B 256 15.69 9.41 -16.52
C LEU B 256 17.13 9.88 -16.77
N ASP B 257 17.97 9.05 -17.40
CA ASP B 257 19.40 9.35 -17.64
C ASP B 257 19.53 10.46 -18.69
N ASP B 258 18.65 10.47 -19.70
CA ASP B 258 18.58 11.54 -20.74
C ASP B 258 18.28 12.88 -20.06
N TYR B 259 17.29 12.91 -19.17
CA TYR B 259 16.90 14.14 -18.43
C TYR B 259 18.08 14.65 -17.61
N ILE B 260 18.79 13.73 -16.93
CA ILE B 260 19.95 14.07 -16.06
C ILE B 260 21.09 14.64 -16.91
N CYS B 261 21.43 13.98 -18.03
CA CYS B 261 22.55 14.37 -18.93
C CYS B 261 22.23 15.71 -19.59
N LYS B 262 20.98 15.95 -19.97
CA LYS B 262 20.50 17.26 -20.47
C LYS B 262 20.71 18.32 -19.38
N ARG B 263 20.19 18.08 -18.17
CA ARG B 263 20.25 19.03 -17.02
C ARG B 263 21.71 19.38 -16.69
N PHE B 264 22.63 18.43 -16.77
CA PHE B 264 24.06 18.60 -16.42
C PHE B 264 24.91 18.92 -17.67
N SER B 265 24.26 19.08 -18.83
CA SER B 265 24.92 19.40 -20.13
C SER B 265 26.05 18.40 -20.39
N LEU B 266 25.75 17.11 -20.26
CA LEU B 266 26.69 16.00 -20.57
C LEU B 266 26.31 15.43 -21.93
N ASN B 267 27.24 15.50 -22.90
CA ASN B 267 27.14 14.81 -24.21
C ASN B 267 27.90 13.49 -24.07
N CYS B 268 27.18 12.39 -23.89
CA CYS B 268 27.72 11.01 -23.73
C CYS B 268 26.82 10.05 -24.50
N PRO B 269 27.36 8.91 -24.98
CA PRO B 269 26.58 7.97 -25.80
C PRO B 269 25.39 7.35 -25.04
N GLU B 270 24.45 6.77 -25.79
CA GLU B 270 23.31 6.00 -25.24
C GLU B 270 23.85 4.93 -24.28
N ALA B 271 23.14 4.69 -23.18
CA ALA B 271 23.48 3.66 -22.17
C ALA B 271 23.45 2.28 -22.84
N ASN B 272 24.58 1.55 -22.74
CA ASN B 272 24.71 0.14 -23.17
C ASN B 272 24.46 -0.75 -21.94
N LEU B 273 23.23 -1.26 -21.79
CA LEU B 273 22.81 -2.11 -20.64
C LEU B 273 22.89 -3.59 -21.00
N SER B 274 23.74 -3.97 -21.96
CA SER B 274 23.84 -5.36 -22.50
C SER B 274 24.20 -6.35 -21.39
N GLU B 275 25.10 -5.97 -20.47
CA GLU B 275 25.51 -6.83 -19.32
C GLU B 275 24.30 -7.10 -18.41
N TRP B 276 23.42 -6.11 -18.25
CA TRP B 276 22.21 -6.21 -17.39
C TRP B 276 21.15 -7.06 -18.09
N GLU B 277 20.97 -6.84 -19.40
CA GLU B 277 20.09 -7.68 -20.26
C GLU B 277 20.51 -9.15 -20.12
N GLN B 278 21.82 -9.42 -20.12
CA GLN B 278 22.38 -10.79 -19.93
C GLN B 278 21.99 -11.32 -18.54
N VAL B 279 22.21 -10.54 -17.48
CA VAL B 279 21.88 -10.89 -16.08
C VAL B 279 20.37 -11.19 -15.97
N ILE B 280 19.53 -10.32 -16.54
CA ILE B 280 18.04 -10.49 -16.52
C ILE B 280 17.71 -11.84 -17.16
N PHE B 281 18.25 -12.08 -18.37
CA PHE B 281 18.08 -13.35 -19.13
C PHE B 281 18.45 -14.56 -18.24
N GLU B 282 19.70 -14.60 -17.75
CA GLU B 282 20.23 -15.75 -16.95
C GLU B 282 19.29 -16.09 -15.80
N GLU B 283 18.80 -15.06 -15.08
CA GLU B 283 17.96 -15.20 -13.86
C GLU B 283 16.58 -15.76 -14.22
N ALA B 284 16.00 -15.30 -15.34
CA ALA B 284 14.63 -15.67 -15.80
C ALA B 284 14.63 -17.10 -16.37
N ASN B 285 15.79 -17.64 -16.76
CA ASN B 285 15.89 -18.94 -17.49
C ASN B 285 16.87 -19.87 -16.78
N PRO B 286 16.55 -20.33 -15.54
CA PRO B 286 17.34 -21.38 -14.89
C PRO B 286 17.02 -22.74 -15.52
N VAL B 287 18.05 -23.58 -15.73
CA VAL B 287 17.94 -24.94 -16.31
C VAL B 287 17.67 -25.95 -15.18
N SER B 288 18.25 -25.71 -13.99
CA SER B 288 18.11 -26.57 -12.79
C SER B 288 17.60 -25.76 -11.59
N GLU B 289 17.29 -26.46 -10.50
CA GLU B 289 16.87 -25.90 -9.19
C GLU B 289 17.68 -26.59 -8.09
N VAL B 290 18.13 -25.84 -7.08
CA VAL B 290 18.87 -26.39 -5.90
C VAL B 290 18.30 -25.76 -4.63
N THR B 291 18.23 -26.54 -3.55
CA THR B 291 17.97 -26.07 -2.16
C THR B 291 19.32 -25.98 -1.45
N ILE B 292 19.79 -24.77 -1.14
CA ILE B 292 21.02 -24.54 -0.33
C ILE B 292 20.58 -24.01 1.04
N GLY B 293 20.94 -24.75 2.09
CA GLY B 293 20.71 -24.36 3.50
C GLY B 293 21.78 -23.37 3.95
N MET B 294 21.37 -22.18 4.39
CA MET B 294 22.27 -21.21 5.06
C MET B 294 22.05 -21.36 6.57
N VAL B 295 23.01 -21.99 7.27
CA VAL B 295 22.91 -22.34 8.72
C VAL B 295 23.69 -21.29 9.51
N GLY B 296 22.99 -20.45 10.27
CA GLY B 296 23.56 -19.30 11.00
C GLY B 296 22.72 -18.92 12.19
N LYS B 297 23.06 -17.80 12.84
CA LYS B 297 22.48 -17.38 14.14
C LYS B 297 21.67 -16.08 14.00
N TYR B 298 21.71 -15.40 12.83
CA TYR B 298 21.06 -14.09 12.62
C TYR B 298 19.86 -14.21 11.66
N ILE B 299 19.38 -15.43 11.40
CA ILE B 299 18.38 -15.72 10.32
C ILE B 299 17.06 -15.02 10.64
N GLU B 300 16.89 -14.53 11.88
CA GLU B 300 15.75 -13.68 12.33
C GLU B 300 15.59 -12.48 11.38
N LEU B 301 16.70 -11.96 10.85
CA LEU B 301 16.74 -10.90 9.80
C LEU B 301 17.59 -11.37 8.64
N PRO B 302 16.99 -11.77 7.50
CA PRO B 302 17.75 -12.14 6.30
C PRO B 302 18.79 -11.10 5.83
N ASP B 303 18.53 -9.81 6.03
CA ASP B 303 19.44 -8.69 5.63
C ASP B 303 20.78 -8.81 6.36
N ALA B 304 20.84 -9.54 7.48
CA ALA B 304 22.07 -9.89 8.22
C ALA B 304 23.06 -10.60 7.28
N TYR B 305 22.55 -11.32 6.28
CA TYR B 305 23.32 -12.11 5.29
C TYR B 305 23.04 -11.60 3.88
N LYS B 306 22.84 -10.29 3.72
CA LYS B 306 22.43 -9.68 2.43
C LYS B 306 23.40 -10.12 1.33
N SER B 307 24.69 -9.82 1.49
CA SER B 307 25.73 -10.04 0.44
C SER B 307 25.93 -11.53 0.18
N VAL B 308 25.75 -12.37 1.21
CA VAL B 308 25.89 -13.86 1.08
C VAL B 308 24.72 -14.37 0.24
N ILE B 309 23.50 -13.95 0.55
CA ILE B 309 22.26 -14.33 -0.17
C ILE B 309 22.40 -13.91 -1.65
N GLU B 310 22.96 -12.72 -1.89
CA GLU B 310 23.16 -12.17 -3.26
C GLU B 310 24.27 -12.94 -3.98
N ALA B 311 25.37 -13.26 -3.28
CA ALA B 311 26.53 -13.98 -3.83
C ALA B 311 26.09 -15.38 -4.30
N LEU B 312 25.21 -16.04 -3.53
CA LEU B 312 24.62 -17.36 -3.90
C LEU B 312 23.84 -17.19 -5.21
N LYS B 313 22.92 -16.22 -5.26
CA LYS B 313 22.07 -15.92 -6.44
C LYS B 313 22.94 -15.67 -7.67
N HIS B 314 24.09 -14.98 -7.51
CA HIS B 314 25.06 -14.71 -8.61
C HIS B 314 25.69 -16.02 -9.08
N GLY B 315 25.95 -16.95 -8.15
CA GLY B 315 26.41 -18.32 -8.44
C GLY B 315 25.38 -19.07 -9.29
N GLY B 316 24.11 -18.89 -8.96
CA GLY B 316 22.95 -19.39 -9.73
C GLY B 316 22.92 -18.82 -11.14
N LEU B 317 23.30 -17.55 -11.34
CA LEU B 317 23.31 -16.86 -12.65
C LEU B 317 24.36 -17.48 -13.57
N LYS B 318 25.55 -17.77 -13.03
CA LYS B 318 26.73 -18.24 -13.80
C LYS B 318 26.55 -19.71 -14.21
N ASN B 319 25.79 -20.50 -13.42
CA ASN B 319 25.52 -21.94 -13.65
C ASN B 319 24.11 -22.11 -14.23
N ARG B 320 23.37 -21.02 -14.40
CA ARG B 320 21.96 -21.03 -14.88
C ARG B 320 21.14 -21.96 -13.97
N VAL B 321 21.31 -21.81 -12.66
CA VAL B 321 20.61 -22.60 -11.60
C VAL B 321 19.79 -21.65 -10.73
N SER B 322 18.55 -22.03 -10.41
CA SER B 322 17.67 -21.32 -9.45
C SER B 322 18.01 -21.82 -8.03
N VAL B 323 18.63 -20.96 -7.22
CA VAL B 323 19.03 -21.27 -5.82
C VAL B 323 17.88 -20.91 -4.89
N ASN B 324 17.22 -21.91 -4.30
CA ASN B 324 16.27 -21.74 -3.18
C ASN B 324 17.07 -21.77 -1.88
N ILE B 325 17.24 -20.60 -1.24
CA ILE B 325 18.02 -20.44 0.02
C ILE B 325 17.07 -20.75 1.18
N LYS B 326 17.34 -21.83 1.91
CA LYS B 326 16.64 -22.17 3.18
C LYS B 326 17.48 -21.62 4.33
N LEU B 327 16.98 -20.58 5.01
CA LEU B 327 17.60 -20.00 6.23
C LEU B 327 17.26 -20.91 7.39
N ILE B 328 18.27 -21.59 7.95
CA ILE B 328 18.12 -22.56 9.08
C ILE B 328 18.81 -21.98 10.33
N ASP B 329 18.05 -21.79 11.41
CA ASP B 329 18.59 -21.41 12.75
C ASP B 329 19.56 -22.49 13.20
N SER B 330 20.81 -22.13 13.49
CA SER B 330 21.87 -23.06 13.99
C SER B 330 21.46 -23.60 15.37
N GLN B 331 20.75 -22.80 16.18
CA GLN B 331 20.23 -23.21 17.52
C GLN B 331 19.18 -24.31 17.39
N ASP B 332 18.47 -24.39 16.25
CA ASP B 332 17.47 -25.44 15.96
C ASP B 332 18.19 -26.76 15.67
N VAL B 333 19.45 -26.72 15.20
CA VAL B 333 20.31 -27.92 14.97
C VAL B 333 20.76 -28.49 16.33
N GLU B 334 20.98 -27.63 17.32
CA GLU B 334 21.33 -28.03 18.71
C GLU B 334 20.12 -28.72 19.36
N THR B 335 18.93 -28.13 19.23
CA THR B 335 17.66 -28.57 19.87
C THR B 335 17.12 -29.84 19.18
N ARG B 336 16.99 -29.82 17.85
CA ARG B 336 16.20 -30.82 17.07
C ARG B 336 17.12 -31.74 16.25
N GLY B 337 18.44 -31.54 16.28
CA GLY B 337 19.43 -32.42 15.63
C GLY B 337 19.55 -32.16 14.13
N VAL B 338 20.36 -32.96 13.43
CA VAL B 338 20.69 -32.83 11.98
C VAL B 338 19.48 -33.25 11.11
N GLU B 339 18.37 -33.63 11.75
CA GLU B 339 17.06 -33.92 11.11
C GLU B 339 16.67 -32.79 10.14
N ILE B 340 16.91 -31.54 10.51
CA ILE B 340 16.43 -30.32 9.79
C ILE B 340 17.42 -29.91 8.70
N LEU B 341 18.52 -30.66 8.51
CA LEU B 341 19.51 -30.43 7.42
C LEU B 341 19.27 -31.42 6.26
N LYS B 342 18.28 -32.29 6.38
CA LYS B 342 17.93 -33.32 5.36
C LYS B 342 17.17 -32.63 4.21
N GLY B 343 17.50 -33.01 2.97
CA GLY B 343 16.88 -32.47 1.74
C GLY B 343 17.57 -31.20 1.27
N LEU B 344 18.84 -31.01 1.66
CA LEU B 344 19.69 -29.88 1.23
C LEU B 344 20.71 -30.39 0.21
N ASP B 345 20.86 -29.67 -0.89
CA ASP B 345 21.79 -30.01 -2.00
C ASP B 345 23.17 -29.40 -1.69
N ALA B 346 23.23 -28.49 -0.72
CA ALA B 346 24.47 -27.84 -0.25
C ALA B 346 24.20 -27.11 1.07
N ILE B 347 25.25 -26.81 1.82
CA ILE B 347 25.18 -26.14 3.15
C ILE B 347 26.16 -24.98 3.17
N LEU B 348 25.70 -23.80 3.58
CA LEU B 348 26.57 -22.61 3.80
C LEU B 348 26.45 -22.16 5.26
N VAL B 349 27.60 -21.96 5.91
CA VAL B 349 27.68 -21.35 7.27
C VAL B 349 28.37 -20.01 7.11
N PRO B 350 27.62 -18.89 7.21
CA PRO B 350 28.18 -17.54 7.00
C PRO B 350 28.86 -16.99 8.26
N GLY B 351 29.30 -15.74 8.20
CA GLY B 351 30.00 -15.04 9.29
C GLY B 351 29.15 -14.96 10.55
N GLY B 352 29.79 -14.65 11.68
CA GLY B 352 29.11 -14.47 12.98
C GLY B 352 30.11 -14.27 14.10
N PHE B 353 29.62 -13.76 15.24
CA PHE B 353 30.38 -13.54 16.50
C PHE B 353 29.51 -13.99 17.67
N GLY B 354 30.13 -14.51 18.74
CA GLY B 354 29.44 -15.02 19.93
C GLY B 354 29.17 -16.51 19.83
N TYR B 355 29.09 -17.20 20.97
CA TYR B 355 29.03 -18.68 21.09
C TYR B 355 27.62 -19.19 20.78
N ARG B 356 26.59 -18.35 20.97
CA ARG B 356 25.17 -18.72 20.77
C ARG B 356 24.99 -19.30 19.36
N GLY B 357 24.66 -20.59 19.28
CA GLY B 357 24.33 -21.30 18.03
C GLY B 357 25.55 -21.88 17.33
N VAL B 358 26.75 -21.72 17.89
CA VAL B 358 28.03 -22.14 17.26
C VAL B 358 28.15 -23.67 17.30
N GLU B 359 27.72 -24.31 18.39
CA GLU B 359 27.78 -25.79 18.55
C GLU B 359 26.87 -26.43 17.49
N GLY B 360 25.75 -25.79 17.16
CA GLY B 360 24.85 -26.18 16.05
C GLY B 360 25.55 -26.09 14.70
N MET B 361 26.38 -25.07 14.49
CA MET B 361 27.15 -24.85 13.24
C MET B 361 28.26 -25.90 13.13
N ILE B 362 28.90 -26.26 14.24
CA ILE B 362 29.94 -27.33 14.31
C ILE B 362 29.31 -28.65 13.85
N THR B 363 28.17 -29.01 14.45
CA THR B 363 27.33 -30.19 14.10
C THR B 363 27.02 -30.19 12.61
N THR B 364 26.67 -29.02 12.06
CA THR B 364 26.29 -28.80 10.63
C THR B 364 27.47 -29.09 9.72
N ALA B 365 28.66 -28.56 10.05
CA ALA B 365 29.91 -28.78 9.28
C ALA B 365 30.27 -30.27 9.28
N ARG B 366 30.06 -30.95 10.41
CA ARG B 366 30.27 -32.41 10.56
C ARG B 366 29.33 -33.15 9.60
N PHE B 367 28.02 -32.92 9.74
CA PHE B 367 26.94 -33.57 8.93
C PHE B 367 27.23 -33.38 7.44
N ALA B 368 27.69 -32.19 7.05
CA ALA B 368 28.08 -31.83 5.67
C ALA B 368 29.30 -32.65 5.25
N ARG B 369 30.31 -32.75 6.13
CA ARG B 369 31.59 -33.44 5.85
C ARG B 369 31.36 -34.95 5.72
N GLU B 370 30.52 -35.54 6.58
CA GLU B 370 30.34 -37.02 6.70
C GLU B 370 29.41 -37.54 5.60
N ASN B 371 28.44 -36.72 5.15
CA ASN B 371 27.40 -37.11 4.16
C ASN B 371 27.77 -36.59 2.76
N ASN B 372 28.97 -36.02 2.60
CA ASN B 372 29.54 -35.54 1.31
C ASN B 372 28.63 -34.47 0.68
N ILE B 373 27.97 -33.66 1.51
CA ILE B 373 27.12 -32.51 1.08
C ILE B 373 28.04 -31.31 0.87
N PRO B 374 28.06 -30.68 -0.32
CA PRO B 374 28.87 -29.48 -0.56
C PRO B 374 28.71 -28.44 0.55
N TYR B 375 29.83 -27.90 1.04
CA TYR B 375 29.91 -26.98 2.20
C TYR B 375 30.77 -25.77 1.84
N LEU B 376 30.27 -24.57 2.16
CA LEU B 376 31.04 -23.30 2.08
C LEU B 376 30.94 -22.60 3.44
N GLY B 377 32.07 -22.48 4.14
CA GLY B 377 32.18 -21.81 5.44
C GLY B 377 32.84 -20.45 5.26
N ILE B 378 32.18 -19.38 5.72
CA ILE B 378 32.71 -17.99 5.63
C ILE B 378 32.99 -17.49 7.05
N CYS B 379 34.27 -17.19 7.33
CA CYS B 379 34.77 -16.64 8.62
C CYS B 379 34.43 -17.62 9.75
N LEU B 380 33.29 -17.45 10.42
CA LEU B 380 32.80 -18.36 11.50
C LEU B 380 32.53 -19.75 10.90
N GLY B 381 32.08 -19.81 9.64
CA GLY B 381 31.85 -21.06 8.90
C GLY B 381 33.13 -21.85 8.70
N MET B 382 34.28 -21.17 8.61
CA MET B 382 35.61 -21.83 8.55
C MET B 382 36.04 -22.26 9.96
N GLN B 383 35.83 -21.39 10.96
CA GLN B 383 36.16 -21.68 12.39
C GLN B 383 35.50 -23.00 12.79
N VAL B 384 34.19 -23.15 12.57
CA VAL B 384 33.39 -24.34 12.97
C VAL B 384 33.80 -25.55 12.11
N ALA B 385 34.31 -25.32 10.90
CA ALA B 385 34.82 -26.39 10.01
C ALA B 385 36.12 -26.96 10.57
N LEU B 386 37.05 -26.08 10.98
CA LEU B 386 38.36 -26.46 11.58
C LEU B 386 38.11 -27.14 12.93
N ILE B 387 37.15 -26.65 13.71
CA ILE B 387 36.77 -27.21 15.05
C ILE B 387 36.19 -28.62 14.82
N ASP B 388 35.13 -28.74 14.03
CA ASP B 388 34.51 -30.03 13.63
C ASP B 388 35.62 -31.05 13.32
N TYR B 389 36.53 -30.71 12.41
CA TYR B 389 37.57 -31.61 11.86
C TYR B 389 38.51 -32.03 13.01
N ALA B 390 39.15 -31.05 13.65
CA ALA B 390 40.08 -31.25 14.79
C ALA B 390 39.42 -32.10 15.86
N ARG B 391 38.13 -31.86 16.13
CA ARG B 391 37.34 -32.47 17.23
C ARG B 391 36.96 -33.91 16.87
N HIS B 392 36.64 -34.20 15.61
CA HIS B 392 35.97 -35.46 15.17
C HIS B 392 36.87 -36.34 14.28
N VAL B 393 37.93 -35.79 13.68
CA VAL B 393 38.86 -36.53 12.78
C VAL B 393 40.24 -36.63 13.44
N ALA B 394 40.82 -35.49 13.86
CA ALA B 394 42.16 -35.38 14.48
C ALA B 394 42.08 -35.75 15.98
N ASN B 395 40.87 -35.97 16.51
CA ASN B 395 40.60 -36.46 17.88
C ASN B 395 41.21 -35.48 18.90
N MET B 396 40.83 -34.20 18.79
CA MET B 396 41.16 -33.13 19.78
C MET B 396 39.86 -32.77 20.53
N GLU B 397 39.46 -33.62 21.49
CA GLU B 397 38.18 -33.52 22.24
C GLU B 397 37.98 -32.07 22.72
N ASN B 398 36.78 -31.53 22.50
CA ASN B 398 36.32 -30.20 23.00
C ASN B 398 37.12 -29.05 22.36
N ALA B 399 37.84 -29.31 21.26
CA ALA B 399 38.54 -28.28 20.45
C ALA B 399 37.56 -27.15 20.15
N ASN B 400 37.96 -25.91 20.39
CA ASN B 400 37.06 -24.73 20.34
C ASN B 400 37.87 -23.48 20.00
N SER B 401 37.19 -22.33 19.90
CA SER B 401 37.80 -20.98 19.79
C SER B 401 37.87 -20.35 21.18
N THR B 402 38.91 -19.56 21.44
CA THR B 402 39.08 -18.80 22.71
C THR B 402 37.95 -17.77 22.83
N GLU B 403 37.36 -17.34 21.72
CA GLU B 403 36.18 -16.42 21.68
C GLU B 403 35.02 -17.03 22.48
N PHE B 404 34.88 -18.36 22.45
CA PHE B 404 33.73 -19.11 23.00
C PHE B 404 34.10 -19.76 24.33
N VAL B 405 35.22 -20.49 24.38
CA VAL B 405 35.76 -21.17 25.60
C VAL B 405 37.23 -20.77 25.76
N PRO B 406 37.52 -19.70 26.54
CA PRO B 406 38.86 -19.11 26.59
C PRO B 406 40.01 -20.04 27.02
N ASP B 407 39.73 -20.97 27.95
CA ASP B 407 40.77 -21.81 28.62
C ASP B 407 40.57 -23.28 28.23
N CYS B 408 40.12 -23.55 27.01
CA CYS B 408 39.97 -24.92 26.45
C CYS B 408 41.36 -25.51 26.18
N LYS B 409 41.48 -26.83 26.19
CA LYS B 409 42.78 -27.55 26.02
C LYS B 409 43.34 -27.29 24.62
N TYR B 410 42.49 -27.41 23.59
CA TYR B 410 42.87 -27.30 22.15
C TYR B 410 42.21 -26.08 21.52
N PRO B 411 42.74 -24.85 21.75
CA PRO B 411 42.22 -23.65 21.08
C PRO B 411 42.68 -23.59 19.61
N VAL B 412 42.00 -24.36 18.74
CA VAL B 412 42.33 -24.47 17.29
C VAL B 412 42.16 -23.09 16.63
N VAL B 413 41.27 -22.26 17.17
CA VAL B 413 41.07 -20.83 16.75
C VAL B 413 41.27 -19.93 17.97
N ALA B 414 42.07 -18.87 17.84
CA ALA B 414 42.36 -17.91 18.92
C ALA B 414 43.06 -16.67 18.35
N LEU B 415 43.09 -15.58 19.12
CA LEU B 415 43.87 -14.35 18.81
C LEU B 415 45.34 -14.75 18.65
N ILE B 416 46.10 -14.01 17.85
CA ILE B 416 47.56 -14.25 17.62
C ILE B 416 48.28 -14.26 18.98
N THR B 417 47.91 -13.34 19.87
CA THR B 417 48.56 -13.12 21.20
C THR B 417 48.17 -14.24 22.17
N GLU B 418 47.05 -14.94 21.94
CA GLU B 418 46.55 -16.05 22.79
C GLU B 418 47.09 -17.41 22.31
N TRP B 419 47.85 -17.45 21.21
CA TRP B 419 48.31 -18.72 20.56
C TRP B 419 49.09 -19.57 21.58
N ARG B 420 48.55 -20.76 21.89
CA ARG B 420 49.16 -21.77 22.79
C ARG B 420 48.86 -23.17 22.25
N ASP B 421 49.61 -24.19 22.70
CA ASP B 421 49.40 -25.61 22.32
C ASP B 421 48.57 -26.29 23.41
N GLU B 422 48.43 -27.62 23.33
CA GLU B 422 47.60 -28.46 24.23
C GLU B 422 48.16 -28.43 25.66
N ASN B 423 49.46 -28.16 25.82
CA ASN B 423 50.17 -28.15 27.13
C ASN B 423 50.18 -26.75 27.74
N GLY B 424 49.88 -25.72 26.94
CA GLY B 424 49.85 -24.31 27.38
C GLY B 424 51.11 -23.54 26.97
N ASN B 425 51.96 -24.15 26.13
CA ASN B 425 53.23 -23.54 25.64
C ASN B 425 52.90 -22.49 24.57
N VAL B 426 53.80 -21.51 24.38
CA VAL B 426 53.61 -20.34 23.47
C VAL B 426 54.88 -20.18 22.62
N GLU B 427 54.92 -19.17 21.75
CA GLU B 427 56.05 -18.86 20.83
C GLU B 427 56.87 -17.69 21.40
N VAL B 428 58.03 -17.41 20.78
CA VAL B 428 58.90 -16.23 21.08
C VAL B 428 59.35 -16.32 22.54
N THR B 438 44.73 -7.58 17.34
CA THR B 438 44.74 -7.03 15.95
C THR B 438 43.50 -7.53 15.20
N MET B 439 42.56 -6.62 14.92
CA MET B 439 41.40 -6.83 14.02
C MET B 439 41.89 -6.71 12.57
N ARG B 440 41.55 -7.68 11.71
CA ARG B 440 41.87 -7.64 10.27
C ARG B 440 40.62 -7.19 9.51
N LEU B 441 40.72 -6.02 8.86
CA LEU B 441 39.61 -5.33 8.17
C LEU B 441 40.06 -4.94 6.76
N GLY B 442 39.29 -5.34 5.74
CA GLY B 442 39.44 -4.83 4.37
C GLY B 442 40.25 -5.79 3.49
N ALA B 443 40.65 -5.29 2.33
CA ALA B 443 41.36 -6.04 1.27
C ALA B 443 42.72 -6.50 1.79
N GLN B 444 42.98 -7.81 1.74
CA GLN B 444 44.32 -8.39 2.02
C GLN B 444 44.63 -9.45 0.95
N GLN B 445 45.86 -9.42 0.44
CA GLN B 445 46.41 -10.40 -0.54
C GLN B 445 46.51 -11.76 0.16
N CYS B 446 45.97 -12.82 -0.47
CA CYS B 446 46.00 -14.22 0.01
C CYS B 446 46.72 -15.09 -1.03
N GLN B 447 47.64 -15.95 -0.57
CA GLN B 447 48.45 -16.88 -1.41
C GLN B 447 47.76 -18.24 -1.45
N LEU B 448 47.38 -18.73 -2.64
CA LEU B 448 46.67 -20.02 -2.81
C LEU B 448 47.70 -21.16 -2.99
N VAL B 449 47.33 -22.37 -2.59
CA VAL B 449 48.17 -23.61 -2.70
C VAL B 449 47.91 -24.26 -4.06
N ASP B 450 48.95 -24.83 -4.68
CA ASP B 450 49.03 -25.11 -6.13
C ASP B 450 48.04 -26.21 -6.57
N ASP B 451 47.73 -27.18 -5.70
CA ASP B 451 46.89 -28.36 -6.04
C ASP B 451 45.46 -28.19 -5.53
N SER B 452 45.15 -27.06 -4.88
CA SER B 452 43.88 -26.82 -4.13
C SER B 452 42.71 -26.59 -5.10
N LEU B 453 41.53 -27.11 -4.73
CA LEU B 453 40.22 -26.86 -5.40
C LEU B 453 40.02 -25.35 -5.62
N VAL B 454 40.47 -24.55 -4.64
CA VAL B 454 40.32 -23.07 -4.60
C VAL B 454 41.19 -22.45 -5.71
N ARG B 455 42.44 -22.87 -5.87
CA ARG B 455 43.36 -22.30 -6.88
C ARG B 455 42.84 -22.60 -8.29
N GLN B 456 42.12 -23.71 -8.46
CA GLN B 456 41.45 -24.08 -9.73
C GLN B 456 40.32 -23.08 -10.01
N LEU B 457 39.40 -22.91 -9.05
CA LEU B 457 38.21 -22.03 -9.16
C LEU B 457 38.63 -20.57 -9.40
N TYR B 458 39.55 -20.05 -8.59
CA TYR B 458 40.05 -18.65 -8.69
C TYR B 458 40.95 -18.50 -9.92
N ASN B 459 41.52 -19.59 -10.40
CA ASN B 459 42.29 -19.65 -11.67
C ASN B 459 43.45 -18.65 -11.62
N ALA B 460 44.05 -18.45 -10.44
CA ALA B 460 45.15 -17.48 -10.20
C ALA B 460 45.94 -17.87 -8.96
N PRO B 461 47.20 -17.41 -8.82
CA PRO B 461 48.03 -17.75 -7.66
C PRO B 461 47.64 -16.95 -6.42
N THR B 462 47.43 -15.64 -6.59
CA THR B 462 47.23 -14.63 -5.52
C THR B 462 45.87 -13.95 -5.73
N ILE B 463 45.00 -14.01 -4.71
CA ILE B 463 43.65 -13.37 -4.70
C ILE B 463 43.65 -12.25 -3.67
N VAL B 464 42.75 -11.28 -3.84
CA VAL B 464 42.47 -10.17 -2.87
C VAL B 464 41.02 -10.31 -2.40
N GLU B 465 40.83 -10.68 -1.14
CA GLU B 465 39.49 -10.75 -0.49
C GLU B 465 39.52 -9.90 0.78
N ARG B 466 38.35 -9.71 1.39
CA ARG B 466 38.13 -8.72 2.48
C ARG B 466 37.86 -9.44 3.79
N HIS B 467 38.54 -9.01 4.85
CA HIS B 467 38.45 -9.59 6.22
C HIS B 467 37.62 -8.66 7.12
N ARG B 468 36.87 -9.27 8.04
CA ARG B 468 36.35 -8.61 9.26
C ARG B 468 36.34 -9.67 10.36
N HIS B 469 37.50 -9.90 10.99
CA HIS B 469 37.67 -10.94 12.03
C HIS B 469 38.92 -10.65 12.87
N ARG B 470 38.91 -11.18 14.09
CA ARG B 470 39.96 -11.03 15.14
C ARG B 470 40.63 -12.40 15.36
N TYR B 471 39.82 -13.43 15.55
CA TYR B 471 40.24 -14.80 15.94
C TYR B 471 40.74 -15.56 14.70
N GLU B 472 41.98 -16.04 14.78
CA GLU B 472 42.74 -16.68 13.67
C GLU B 472 42.87 -18.18 13.94
N VAL B 473 43.22 -18.95 12.91
CA VAL B 473 43.60 -20.39 13.03
C VAL B 473 44.92 -20.43 13.82
N ASN B 474 44.93 -21.15 14.95
CA ASN B 474 46.11 -21.34 15.82
C ASN B 474 47.15 -22.20 15.08
N ASN B 475 48.24 -21.57 14.61
CA ASN B 475 49.34 -22.22 13.85
C ASN B 475 50.00 -23.32 14.68
N MET B 476 49.99 -23.17 16.01
CA MET B 476 50.66 -24.11 16.96
C MET B 476 49.91 -25.45 17.03
N LEU B 477 48.63 -25.48 16.63
CA LEU B 477 47.80 -26.72 16.61
C LEU B 477 47.51 -27.16 15.17
N LEU B 478 48.10 -26.49 14.18
CA LEU B 478 47.74 -26.64 12.74
C LEU B 478 48.23 -28.01 12.22
N LYS B 479 49.54 -28.29 12.37
CA LYS B 479 50.22 -29.50 11.83
C LYS B 479 49.46 -30.77 12.25
N GLN B 480 48.98 -30.82 13.49
CA GLN B 480 48.22 -31.96 14.07
C GLN B 480 46.89 -32.14 13.32
N ILE B 481 46.27 -31.04 12.84
CA ILE B 481 45.00 -31.06 12.05
C ILE B 481 45.35 -31.43 10.60
N GLU B 482 46.45 -30.90 10.06
CA GLU B 482 46.94 -31.18 8.68
C GLU B 482 47.21 -32.68 8.51
N ASP B 483 47.93 -33.28 9.47
CA ASP B 483 48.34 -34.72 9.45
C ASP B 483 47.10 -35.61 9.54
N ALA B 484 46.01 -35.11 10.13
CA ALA B 484 44.71 -35.81 10.26
C ALA B 484 43.90 -35.70 8.96
N GLY B 485 44.44 -35.04 7.93
CA GLY B 485 43.90 -35.07 6.55
C GLY B 485 43.54 -33.69 6.01
N LEU B 486 43.18 -32.74 6.87
CA LEU B 486 42.72 -31.37 6.49
C LEU B 486 43.83 -30.64 5.73
N ARG B 487 43.48 -30.02 4.60
CA ARG B 487 44.43 -29.30 3.72
C ARG B 487 44.27 -27.79 3.91
N VAL B 488 45.39 -27.06 3.99
CA VAL B 488 45.47 -25.58 3.97
C VAL B 488 45.52 -25.13 2.51
N ALA B 489 44.44 -24.52 2.01
CA ALA B 489 44.28 -24.14 0.59
C ALA B 489 44.80 -22.71 0.34
N GLY B 490 44.91 -21.89 1.39
CA GLY B 490 45.35 -20.48 1.27
C GLY B 490 45.92 -19.93 2.57
N ARG B 491 46.89 -19.02 2.46
CA ARG B 491 47.59 -18.34 3.58
C ARG B 491 47.92 -16.90 3.15
N SER B 492 48.19 -15.99 4.10
CA SER B 492 48.50 -14.57 3.83
C SER B 492 49.50 -14.01 4.85
N GLY B 493 50.34 -13.06 4.41
CA GLY B 493 51.20 -12.22 5.26
C GLY B 493 52.48 -12.93 5.68
N ASP B 494 53.23 -12.29 6.58
CA ASP B 494 54.51 -12.82 7.14
C ASP B 494 54.21 -13.87 8.21
N ASP B 495 53.12 -13.68 8.97
CA ASP B 495 52.66 -14.60 10.06
C ASP B 495 52.10 -15.89 9.44
N GLN B 496 51.94 -15.95 8.12
CA GLN B 496 51.44 -17.14 7.38
C GLN B 496 50.11 -17.59 8.00
N LEU B 497 49.18 -16.65 8.18
CA LEU B 497 47.84 -16.90 8.77
C LEU B 497 47.02 -17.73 7.77
N VAL B 498 46.34 -18.77 8.26
CA VAL B 498 45.52 -19.68 7.42
C VAL B 498 44.25 -18.92 6.98
N GLU B 499 44.08 -18.75 5.67
CA GLU B 499 42.96 -18.00 5.04
C GLU B 499 41.87 -18.98 4.57
N ILE B 500 42.27 -20.09 3.94
CA ILE B 500 41.34 -21.10 3.35
C ILE B 500 41.77 -22.51 3.76
N ILE B 501 40.81 -23.34 4.15
CA ILE B 501 40.97 -24.80 4.44
C ILE B 501 40.06 -25.60 3.50
N GLU B 502 40.47 -26.81 3.14
CA GLU B 502 39.69 -27.77 2.33
C GLU B 502 39.73 -29.15 2.99
N VAL B 503 38.69 -29.95 2.77
CA VAL B 503 38.60 -31.39 3.17
C VAL B 503 38.62 -32.23 1.88
N PRO B 504 39.79 -32.77 1.45
CA PRO B 504 39.81 -33.80 0.42
C PRO B 504 39.05 -35.04 0.89
N ASN B 505 38.70 -35.94 -0.04
CA ASN B 505 37.76 -37.07 0.18
C ASN B 505 36.34 -36.51 0.37
N HIS B 506 36.07 -35.38 -0.29
CA HIS B 506 34.76 -34.66 -0.28
C HIS B 506 34.57 -34.03 -1.66
N PRO B 507 33.34 -34.05 -2.24
CA PRO B 507 33.10 -33.45 -3.55
C PRO B 507 33.46 -31.95 -3.57
N TRP B 508 32.91 -31.17 -2.64
CA TRP B 508 33.14 -29.71 -2.52
C TRP B 508 33.06 -29.26 -1.06
N PHE B 509 34.23 -29.03 -0.44
CA PHE B 509 34.37 -28.53 0.95
C PHE B 509 35.44 -27.44 0.97
N VAL B 510 35.01 -26.17 1.09
CA VAL B 510 35.89 -24.98 1.18
C VAL B 510 35.38 -24.10 2.31
N ALA B 511 36.27 -23.64 3.18
CA ALA B 511 35.99 -22.65 4.24
C ALA B 511 37.12 -21.61 4.24
N CYS B 512 36.77 -20.32 4.27
CA CYS B 512 37.72 -19.18 4.18
C CYS B 512 37.47 -18.19 5.33
N GLN B 513 38.51 -17.48 5.75
CA GLN B 513 38.45 -16.46 6.83
C GLN B 513 37.76 -15.21 6.28
N PHE B 514 38.19 -14.76 5.09
CA PHE B 514 37.70 -13.56 4.38
C PHE B 514 36.21 -13.72 4.04
N HIS B 515 35.58 -12.61 3.60
CA HIS B 515 34.16 -12.51 3.18
C HIS B 515 34.11 -12.40 1.65
N PRO B 516 34.08 -13.52 0.90
CA PRO B 516 34.09 -13.46 -0.56
C PRO B 516 32.84 -12.78 -1.13
N GLU B 517 31.73 -12.82 -0.39
CA GLU B 517 30.41 -12.26 -0.78
C GLU B 517 30.49 -10.76 -1.08
N PHE B 518 31.52 -10.05 -0.58
CA PHE B 518 31.67 -8.58 -0.74
C PHE B 518 32.29 -8.23 -2.09
N THR B 519 32.89 -9.19 -2.80
CA THR B 519 33.48 -9.01 -4.15
C THR B 519 32.58 -9.61 -5.23
N SER B 520 31.58 -10.42 -4.86
CA SER B 520 30.62 -11.03 -5.80
C SER B 520 29.72 -9.94 -6.40
N THR B 521 29.57 -9.94 -7.72
CA THR B 521 28.64 -9.06 -8.48
C THR B 521 27.75 -9.93 -9.36
N PRO B 522 26.56 -9.45 -9.77
CA PRO B 522 25.71 -10.18 -10.72
C PRO B 522 26.35 -10.31 -12.11
N ARG B 523 27.20 -9.35 -12.51
CA ARG B 523 27.81 -9.31 -13.87
C ARG B 523 29.01 -10.25 -13.93
N ASP B 524 29.98 -10.11 -13.01
CA ASP B 524 31.28 -10.82 -13.05
C ASP B 524 31.26 -12.05 -12.13
N GLY B 525 30.17 -12.28 -11.40
CA GLY B 525 30.00 -13.43 -10.50
C GLY B 525 31.09 -13.52 -9.46
N HIS B 526 31.33 -14.70 -8.92
CA HIS B 526 32.45 -15.00 -7.99
C HIS B 526 32.87 -16.45 -8.14
N PRO B 527 34.19 -16.71 -8.37
CA PRO B 527 34.71 -18.08 -8.51
C PRO B 527 34.20 -19.10 -7.48
N LEU B 528 34.26 -18.77 -6.19
CA LEU B 528 33.91 -19.69 -5.06
C LEU B 528 32.42 -20.06 -5.14
N PHE B 529 31.54 -19.08 -5.31
CA PHE B 529 30.07 -19.26 -5.30
C PHE B 529 29.62 -19.91 -6.62
N ALA B 530 30.29 -19.58 -7.73
CA ALA B 530 30.11 -20.26 -9.04
C ALA B 530 30.35 -21.76 -8.85
N GLY B 531 31.52 -22.12 -8.32
CA GLY B 531 31.91 -23.51 -7.98
C GLY B 531 30.92 -24.15 -7.01
N PHE B 532 30.60 -23.44 -5.92
CA PHE B 532 29.77 -23.97 -4.79
C PHE B 532 28.37 -24.34 -5.31
N VAL B 533 27.73 -23.44 -6.07
CA VAL B 533 26.36 -23.66 -6.63
C VAL B 533 26.42 -24.77 -7.68
N LYS B 534 27.49 -24.82 -8.48
CA LYS B 534 27.73 -25.92 -9.44
C LYS B 534 27.71 -27.26 -8.69
N ALA B 535 28.55 -27.40 -7.65
CA ALA B 535 28.69 -28.60 -6.82
C ALA B 535 27.35 -28.97 -6.20
N ALA B 536 26.54 -27.97 -5.82
CA ALA B 536 25.17 -28.15 -5.28
C ALA B 536 24.26 -28.76 -6.37
N SER B 537 24.41 -28.30 -7.61
CA SER B 537 23.69 -28.83 -8.80
C SER B 537 24.11 -30.28 -9.03
N GLU B 538 25.42 -30.53 -9.14
CA GLU B 538 26.02 -31.87 -9.38
C GLU B 538 25.54 -32.87 -8.31
N PHE B 539 25.49 -32.43 -7.05
CA PHE B 539 25.04 -33.24 -5.89
C PHE B 539 23.53 -33.54 -6.01
N GLN B 540 22.75 -32.57 -6.45
CA GLN B 540 21.26 -32.63 -6.51
C GLN B 540 20.83 -33.70 -7.52
N LYS B 541 21.65 -33.96 -8.55
CA LYS B 541 21.36 -34.94 -9.64
C LYS B 541 22.26 -36.17 -9.48
N ARG B 542 22.59 -36.54 -8.24
CA ARG B 542 23.15 -37.86 -7.85
C ARG B 542 22.19 -38.52 -6.84
N GLN B 543 20.95 -38.02 -6.74
CA GLN B 543 19.92 -38.48 -5.77
C GLN B 543 18.76 -39.11 -6.54
#